data_5CDF
#
_entry.id   5CDF
#
_cell.length_a   72.550
_cell.length_b   102.920
_cell.length_c   89.180
_cell.angle_alpha   90.000
_cell.angle_beta   112.670
_cell.angle_gamma   90.000
#
_symmetry.space_group_name_H-M   'P 1 21 1'
#
loop_
_entity.id
_entity.type
_entity.pdbx_description
1 polymer 'ATP synthase subunit alpha'
2 polymer 'ATP synthase subunit beta'
3 non-polymer GLYCEROL
4 non-polymer 'PHOSPHATE ION'
5 water water
#
loop_
_entity_poly.entity_id
_entity_poly.type
_entity_poly.pdbx_seq_one_letter_code
_entity_poly.pdbx_strand_id
1 'polypeptide(L)'
;MGIQAAEISAILKDQIKNFGQDAEVAEVGQVLSVGDGIARVYGLDKVQAGEMVEFPGGIRGMVLNLETDNVGVVIFGDDR
DIKEGDTVKRTGAIVEVPAGKELLGRVVDALGNPIDGKGPLNASERRIADVKAPGIMPRKSVHEPMATGLKSVDAMIPVG
RGQRELIIGDRQTGKTAIALDTILNQANYNGREADGMKTLHCIYVAVGQKRSTVAQLVKKLEETGAMAYTTVVAATASDP
APMQYLAPYSATAMGEYFRDNGMDALIIYDDLSKQAVAYRQMSLLLRRPPGREAYPGDVFYLHSRLLERSAKLNEANGAG
SLTALPIIETQAGDVSAYIPTNVISITDGQIFLETELFFQGIRPAVNTGLSVSRVGSAAQTKAMKSVAGPVKLELAQYRE
MAAFAQFGSDLDAATQKLLNRGARLTELMKQPQYSPLTNAEIVIVIYAGTKGYLDGIPVRDVTKWEHGLLQYLRNQKADL
LEDMTKNDRKVAGELEDAIKAALDGYAKTYA
;
A
2 'polypeptide(L)'
;MAEANGKITQVIGAVVDVQFDGQLPAILNALETENNGKRLVLEVAQHLGENTVRTIAMDATEGLVRGLPVKDTGGPIMVP
VGDATLGRILNVVGEPVDEGGPVEATQTRAIHQQAPDFAAQATASEILVTGIKVIDLLAPYSKGGKIGLFGGAGVGKTVL
IMELINNIAKVHSGYSVFAGVGERTREGNDLYHEMVESGVIKPDDLSKSQVALVYGQMNEPPGARMRVALTGLTVAEQFR
DATGTDVLFFVDNIFRFTQAGSEVSALLGRIPSAVGYQPTLATDMGAMQERITSTKNGSITSIQAVYVPADDLTDPAPAT
TFAHLDATTVLSRAISELGIYPAVDPLDSNSRILDPAVVGEEHYQVARDVQGILQKYKSLQDIIAILGMDELSEEDKLTV
ARARKIQRFLSQPFDVAKVFTGSDGVQVPLEDTIKSFKAVVAGEYDHLPEAAFYMVGGIEDVKAKAQRLAADAA
;
E
#
loop_
_chem_comp.id
_chem_comp.type
_chem_comp.name
_chem_comp.formula
GOL non-polymer GLYCEROL 'C3 H8 O3'
PO4 non-polymer 'PHOSPHATE ION' 'O4 P -3'
#
# COMPACT_ATOMS: atom_id res chain seq x y z
N GLU A 24 -25.36 34.09 -24.14
CA GLU A 24 -26.33 33.27 -24.94
C GLU A 24 -26.80 32.04 -24.12
N VAL A 25 -26.23 30.85 -24.38
CA VAL A 25 -26.63 29.58 -23.73
C VAL A 25 -25.47 28.55 -23.71
N ALA A 26 -24.78 28.38 -24.84
CA ALA A 26 -23.67 27.44 -24.95
C ALA A 26 -22.47 27.78 -24.07
N GLU A 27 -21.91 28.97 -24.28
CA GLU A 27 -20.70 29.41 -23.57
C GLU A 27 -20.98 30.20 -22.28
N VAL A 28 -22.25 30.47 -21.99
CA VAL A 28 -22.67 31.32 -20.87
C VAL A 28 -23.88 30.68 -20.19
N GLY A 29 -24.08 30.97 -18.90
CA GLY A 29 -25.24 30.48 -18.16
C GLY A 29 -25.88 31.50 -17.24
N GLN A 30 -26.97 31.08 -16.60
CA GLN A 30 -27.76 31.92 -15.69
C GLN A 30 -27.96 31.18 -14.37
N VAL A 31 -27.74 31.86 -13.24
CA VAL A 31 -27.87 31.24 -11.91
C VAL A 31 -29.34 31.07 -11.53
N LEU A 32 -29.77 29.82 -11.35
CA LEU A 32 -31.14 29.51 -10.93
C LEU A 32 -31.27 29.62 -9.41
N SER A 33 -30.37 28.96 -8.69
CA SER A 33 -30.30 29.02 -7.22
C SER A 33 -28.86 29.04 -6.74
N VAL A 34 -28.66 29.47 -5.50
CA VAL A 34 -27.32 29.61 -4.91
C VAL A 34 -27.38 29.60 -3.38
N GLY A 35 -26.36 29.02 -2.75
CA GLY A 35 -26.27 28.94 -1.29
C GLY A 35 -25.39 27.80 -0.81
N ASP A 36 -24.73 28.02 0.33
CA ASP A 36 -23.84 27.01 0.97
C ASP A 36 -22.67 26.57 0.06
N GLY A 37 -22.08 27.53 -0.65
CA GLY A 37 -20.95 27.26 -1.55
C GLY A 37 -21.27 26.52 -2.84
N ILE A 38 -22.56 26.42 -3.18
CA ILE A 38 -23.02 25.67 -4.36
C ILE A 38 -23.94 26.57 -5.19
N ALA A 39 -23.97 26.35 -6.50
CA ALA A 39 -24.87 27.08 -7.40
C ALA A 39 -25.41 26.16 -8.51
N ARG A 40 -26.74 26.18 -8.69
CA ARG A 40 -27.38 25.56 -9.84
C ARG A 40 -27.44 26.59 -10.97
N VAL A 41 -26.93 26.23 -12.15
CA VAL A 41 -26.81 27.16 -13.28
C VAL A 41 -27.52 26.63 -14.52
N TYR A 42 -28.44 27.44 -15.07
CA TYR A 42 -29.11 27.16 -16.35
C TYR A 42 -28.15 27.43 -17.51
N GLY A 43 -28.26 26.62 -18.57
CA GLY A 43 -27.42 26.79 -19.76
C GLY A 43 -26.05 26.16 -19.62
N LEU A 44 -25.02 26.85 -20.13
CA LEU A 44 -23.64 26.35 -20.19
C LEU A 44 -23.58 24.99 -20.90
N ASP A 45 -24.18 24.91 -22.08
CA ASP A 45 -24.35 23.64 -22.79
C ASP A 45 -23.01 22.97 -23.18
N LYS A 46 -22.02 23.77 -23.57
CA LYS A 46 -20.71 23.25 -23.99
C LYS A 46 -19.65 23.22 -22.88
N VAL A 47 -20.04 23.49 -21.62
CA VAL A 47 -19.11 23.41 -20.49
C VAL A 47 -18.78 21.95 -20.17
N GLN A 48 -17.50 21.66 -19.95
CA GLN A 48 -17.05 20.30 -19.65
C GLN A 48 -16.99 20.07 -18.13
N ALA A 49 -17.02 18.80 -17.73
CA ALA A 49 -17.01 18.43 -16.30
C ALA A 49 -15.65 18.71 -15.68
N GLY A 50 -15.65 19.32 -14.50
CA GLY A 50 -14.43 19.76 -13.82
C GLY A 50 -13.87 21.10 -14.30
N GLU A 51 -14.61 21.80 -15.15
CA GLU A 51 -14.14 23.06 -15.75
C GLU A 51 -14.31 24.22 -14.78
N MET A 52 -13.33 25.11 -14.78
CA MET A 52 -13.40 26.35 -14.01
C MET A 52 -14.38 27.31 -14.70
N VAL A 53 -15.15 28.04 -13.88
CA VAL A 53 -16.09 29.05 -14.38
C VAL A 53 -15.98 30.36 -13.60
N GLU A 54 -16.28 31.47 -14.27
CA GLU A 54 -16.17 32.82 -13.72
C GLU A 54 -17.56 33.34 -13.39
N PHE A 55 -17.75 33.80 -12.15
CA PHE A 55 -18.96 34.49 -11.72
C PHE A 55 -18.72 36.02 -11.84
N PRO A 56 -19.77 36.86 -11.65
CA PRO A 56 -19.64 38.31 -11.90
C PRO A 56 -18.46 39.05 -11.26
N GLY A 57 -18.35 38.99 -9.93
CA GLY A 57 -17.35 39.78 -9.21
C GLY A 57 -15.98 39.13 -9.09
N GLY A 58 -15.50 38.54 -10.19
CA GLY A 58 -14.23 37.79 -10.17
C GLY A 58 -14.23 36.48 -9.39
N ILE A 59 -15.41 35.99 -8.99
CA ILE A 59 -15.51 34.81 -8.12
C ILE A 59 -15.42 33.55 -8.99
N ARG A 60 -14.51 32.65 -8.62
CA ARG A 60 -14.26 31.41 -9.36
CA ARG A 60 -14.26 31.41 -9.36
C ARG A 60 -15.10 30.25 -8.83
N GLY A 61 -15.35 29.27 -9.69
CA GLY A 61 -16.12 28.06 -9.34
C GLY A 61 -15.78 26.89 -10.25
N MET A 62 -16.05 25.67 -9.79
CA MET A 62 -15.79 24.45 -10.56
C MET A 62 -17.10 23.68 -10.81
N VAL A 63 -17.28 23.23 -12.04
CA VAL A 63 -18.45 22.41 -12.42
C VAL A 63 -18.19 20.94 -12.05
N LEU A 64 -19.00 20.41 -11.14
CA LEU A 64 -18.95 18.99 -10.76
C LEU A 64 -20.12 18.16 -11.31
N ASN A 65 -21.33 18.73 -11.35
CA ASN A 65 -22.51 18.05 -11.87
C ASN A 65 -22.98 18.62 -13.21
N LEU A 66 -22.90 17.80 -14.25
CA LEU A 66 -23.57 18.09 -15.52
C LEU A 66 -24.88 17.31 -15.53
N GLU A 67 -26.00 18.04 -15.44
CA GLU A 67 -27.34 17.45 -15.46
C GLU A 67 -28.09 17.83 -16.73
N THR A 68 -29.27 17.24 -16.93
CA THR A 68 -30.06 17.47 -18.16
C THR A 68 -30.52 18.91 -18.30
N ASP A 69 -31.05 19.47 -17.21
CA ASP A 69 -31.65 20.81 -17.20
C ASP A 69 -30.87 21.86 -16.37
N ASN A 70 -29.69 21.50 -15.85
CA ASN A 70 -28.83 22.45 -15.11
C ASN A 70 -27.37 21.99 -15.02
N VAL A 71 -26.54 22.85 -14.42
CA VAL A 71 -25.14 22.54 -14.14
C VAL A 71 -24.83 22.90 -12.68
N GLY A 72 -24.50 21.87 -11.89
CA GLY A 72 -24.12 22.07 -10.48
C GLY A 72 -22.67 22.55 -10.37
N VAL A 73 -22.49 23.67 -9.69
CA VAL A 73 -21.17 24.32 -9.55
C VAL A 73 -20.81 24.43 -8.08
N VAL A 74 -19.57 24.07 -7.75
CA VAL A 74 -19.01 24.30 -6.40
C VAL A 74 -18.19 25.60 -6.45
N ILE A 75 -18.47 26.49 -5.49
CA ILE A 75 -17.99 27.87 -5.51
C ILE A 75 -16.77 28.03 -4.62
N PHE A 76 -15.67 28.53 -5.19
CA PHE A 76 -14.42 28.73 -4.47
C PHE A 76 -14.35 30.03 -3.64
N GLY A 77 -15.05 31.07 -4.10
CA GLY A 77 -15.09 32.36 -3.40
C GLY A 77 -16.27 32.51 -2.46
N ASP A 78 -16.60 33.76 -2.14
CA ASP A 78 -17.70 34.10 -1.23
C ASP A 78 -19.04 34.03 -2.00
N ASP A 79 -19.96 33.20 -1.52
CA ASP A 79 -21.23 32.94 -2.22
C ASP A 79 -22.36 33.95 -1.92
N ARG A 80 -22.25 34.71 -0.83
CA ARG A 80 -23.28 35.69 -0.44
C ARG A 80 -23.43 36.85 -1.44
N ASP A 81 -22.35 37.15 -2.17
CA ASP A 81 -22.39 38.15 -3.25
C ASP A 81 -23.28 37.72 -4.43
N ILE A 82 -23.17 36.45 -4.81
CA ILE A 82 -23.89 35.90 -5.98
C ILE A 82 -25.40 35.86 -5.71
N LYS A 83 -26.18 36.21 -6.74
CA LYS A 83 -27.64 36.28 -6.66
C LYS A 83 -28.26 35.60 -7.89
N GLU A 84 -29.47 35.06 -7.73
CA GLU A 84 -30.15 34.34 -8.81
C GLU A 84 -30.46 35.28 -9.98
N GLY A 85 -29.99 34.91 -11.17
CA GLY A 85 -30.02 35.77 -12.36
C GLY A 85 -28.65 36.08 -12.96
N ASP A 86 -27.60 36.02 -12.14
CA ASP A 86 -26.23 36.40 -12.55
C ASP A 86 -25.67 35.58 -13.72
N THR A 87 -24.70 36.18 -14.41
CA THR A 87 -24.06 35.59 -15.59
C THR A 87 -22.83 34.77 -15.20
N VAL A 88 -22.86 33.47 -15.52
CA VAL A 88 -21.73 32.56 -15.29
C VAL A 88 -21.02 32.30 -16.62
N LYS A 89 -19.70 32.53 -16.65
CA LYS A 89 -18.90 32.51 -17.87
C LYS A 89 -17.89 31.34 -17.85
N ARG A 90 -17.72 30.69 -19.01
CA ARG A 90 -16.73 29.63 -19.18
C ARG A 90 -15.30 30.20 -19.24
N THR A 91 -14.37 29.52 -18.56
CA THR A 91 -12.94 29.76 -18.74
C THR A 91 -12.36 28.85 -19.85
N GLY A 92 -13.05 27.74 -20.14
CA GLY A 92 -12.59 26.77 -21.14
C GLY A 92 -11.42 25.90 -20.70
N ALA A 93 -11.19 25.81 -19.39
CA ALA A 93 -10.05 25.07 -18.84
C ALA A 93 -10.44 24.34 -17.55
N ILE A 94 -9.80 23.18 -17.34
CA ILE A 94 -9.96 22.40 -16.11
C ILE A 94 -9.18 23.13 -15.01
N VAL A 95 -9.62 22.98 -13.76
CA VAL A 95 -9.03 23.70 -12.62
C VAL A 95 -7.52 23.44 -12.53
N GLU A 96 -6.74 24.49 -12.76
CA GLU A 96 -5.28 24.44 -12.67
C GLU A 96 -4.75 25.57 -11.78
N VAL A 97 -3.51 25.41 -11.32
CA VAL A 97 -2.89 26.32 -10.33
C VAL A 97 -1.44 26.62 -10.69
N PRO A 98 -0.89 27.73 -10.18
CA PRO A 98 0.53 28.03 -10.43
C PRO A 98 1.49 27.06 -9.74
N ALA A 99 2.73 27.03 -10.23
CA ALA A 99 3.78 26.18 -9.67
C ALA A 99 5.18 26.69 -10.03
N GLY A 100 6.18 26.15 -9.33
CA GLY A 100 7.59 26.53 -9.53
C GLY A 100 8.21 27.07 -8.26
N LYS A 101 9.50 27.43 -8.35
CA LYS A 101 10.25 27.99 -7.22
C LYS A 101 9.80 29.39 -6.78
N GLU A 102 8.99 30.06 -7.61
CA GLU A 102 8.39 31.35 -7.24
C GLU A 102 7.40 31.21 -6.06
N LEU A 103 6.82 30.01 -5.89
CA LEU A 103 5.92 29.74 -4.75
C LEU A 103 6.66 29.48 -3.43
N LEU A 104 7.96 29.21 -3.48
CA LEU A 104 8.78 29.08 -2.27
C LEU A 104 8.84 30.43 -1.54
N GLY A 105 8.75 30.40 -0.22
CA GLY A 105 8.67 31.62 0.59
C GLY A 105 7.28 32.20 0.77
N ARG A 106 6.30 31.67 0.05
CA ARG A 106 4.98 32.30 -0.06
C ARG A 106 3.89 31.48 0.61
N VAL A 107 2.81 32.16 0.98
CA VAL A 107 1.61 31.53 1.50
C VAL A 107 0.50 31.83 0.48
N VAL A 108 -0.17 30.77 0.01
CA VAL A 108 -1.23 30.89 -1.00
C VAL A 108 -2.49 30.16 -0.54
N ASP A 109 -3.61 30.46 -1.19
CA ASP A 109 -4.88 29.74 -0.93
C ASP A 109 -4.93 28.47 -1.80
N ALA A 110 -6.08 27.78 -1.84
CA ALA A 110 -6.20 26.53 -2.60
C ALA A 110 -6.07 26.67 -4.13
N LEU A 111 -6.33 27.87 -4.66
CA LEU A 111 -6.14 28.17 -6.09
C LEU A 111 -4.79 28.81 -6.43
N GLY A 112 -3.91 28.97 -5.45
CA GLY A 112 -2.58 29.54 -5.68
C GLY A 112 -2.50 31.07 -5.66
N ASN A 113 -3.56 31.74 -5.18
CA ASN A 113 -3.54 33.18 -4.97
C ASN A 113 -2.81 33.47 -3.66
N PRO A 114 -1.81 34.38 -3.67
CA PRO A 114 -1.09 34.69 -2.43
C PRO A 114 -1.97 35.37 -1.39
N ILE A 115 -1.76 35.02 -0.12
CA ILE A 115 -2.51 35.58 1.01
C ILE A 115 -1.59 36.10 2.13
N ASP A 116 -0.34 36.39 1.79
CA ASP A 116 0.65 36.91 2.74
C ASP A 116 0.98 38.39 2.54
N GLY A 117 0.28 39.05 1.62
CA GLY A 117 0.50 40.48 1.32
C GLY A 117 1.87 40.83 0.78
N LYS A 118 2.51 39.91 0.06
CA LYS A 118 3.86 40.11 -0.49
C LYS A 118 3.86 40.27 -2.01
N GLY A 119 2.80 40.88 -2.55
CA GLY A 119 2.71 41.15 -3.98
C GLY A 119 2.37 39.93 -4.83
N PRO A 120 2.32 40.11 -6.15
CA PRO A 120 2.06 39.00 -7.08
C PRO A 120 3.06 37.84 -7.01
N LEU A 121 2.61 36.69 -7.49
CA LEU A 121 3.41 35.46 -7.48
C LEU A 121 4.41 35.46 -8.65
N ASN A 122 3.92 35.85 -9.84
CA ASN A 122 4.71 35.90 -11.08
C ASN A 122 5.30 34.54 -11.45
N ALA A 123 4.44 33.52 -11.43
CA ALA A 123 4.83 32.16 -11.79
C ALA A 123 5.05 32.06 -13.29
N SER A 124 5.93 31.13 -13.69
CA SER A 124 6.23 30.86 -15.09
C SER A 124 5.75 29.47 -15.52
N GLU A 125 4.76 28.92 -14.80
CA GLU A 125 4.26 27.57 -15.05
C GLU A 125 2.91 27.37 -14.35
N ARG A 126 2.08 26.53 -14.96
CA ARG A 126 0.72 26.25 -14.48
C ARG A 126 0.41 24.77 -14.62
N ARG A 127 -0.18 24.16 -13.59
CA ARG A 127 -0.45 22.71 -13.55
C ARG A 127 -1.87 22.40 -13.11
N ILE A 128 -2.43 21.32 -13.67
CA ILE A 128 -3.77 20.87 -13.32
C ILE A 128 -3.70 20.30 -11.89
N ALA A 129 -4.69 20.68 -11.07
CA ALA A 129 -4.66 20.37 -9.64
C ALA A 129 -4.91 18.89 -9.36
N ASP A 130 -5.99 18.37 -9.95
CA ASP A 130 -6.40 16.97 -9.77
C ASP A 130 -6.06 16.16 -11.02
N VAL A 131 -5.00 15.36 -10.94
CA VAL A 131 -4.48 14.59 -12.07
C VAL A 131 -4.16 13.15 -11.68
N LYS A 132 -4.01 12.31 -12.70
CA LYS A 132 -3.69 10.89 -12.55
C LYS A 132 -2.24 10.74 -12.11
N ALA A 133 -2.00 9.84 -11.16
CA ALA A 133 -0.65 9.60 -10.62
C ALA A 133 0.20 8.84 -11.64
N PRO A 134 1.55 8.93 -11.53
CA PRO A 134 2.43 8.20 -12.44
C PRO A 134 2.23 6.69 -12.36
N GLY A 135 2.34 6.03 -13.50
CA GLY A 135 2.16 4.58 -13.59
C GLY A 135 3.28 3.78 -12.96
N ILE A 136 3.37 2.52 -13.37
CA ILE A 136 4.23 1.54 -12.73
C ILE A 136 5.70 1.76 -13.14
N MET A 137 5.92 1.98 -14.43
CA MET A 137 7.28 2.00 -15.02
C MET A 137 8.21 3.15 -14.62
N PRO A 138 7.72 4.40 -14.59
CA PRO A 138 8.66 5.49 -14.24
C PRO A 138 9.19 5.49 -12.80
N ARG A 139 8.64 4.67 -11.92
CA ARG A 139 9.03 4.65 -10.51
C ARG A 139 10.31 3.85 -10.23
N LYS A 140 10.95 4.17 -9.11
CA LYS A 140 12.11 3.46 -8.57
C LYS A 140 11.84 3.21 -7.09
N SER A 141 12.42 2.13 -6.55
CA SER A 141 12.27 1.79 -5.13
C SER A 141 12.81 2.90 -4.25
N VAL A 142 12.09 3.18 -3.16
CA VAL A 142 12.46 4.23 -2.22
C VAL A 142 13.68 3.74 -1.45
N HIS A 143 14.78 4.49 -1.54
CA HIS A 143 16.06 4.10 -0.93
C HIS A 143 16.84 5.23 -0.23
N GLU A 144 16.24 6.40 -0.06
CA GLU A 144 16.94 7.61 0.41
C GLU A 144 16.26 8.17 1.65
N PRO A 145 17.03 8.61 2.67
CA PRO A 145 16.37 9.14 3.87
C PRO A 145 15.58 10.44 3.68
N MET A 146 14.40 10.48 4.29
CA MET A 146 13.63 11.71 4.49
C MET A 146 13.59 11.90 6.01
N ALA A 147 14.58 12.64 6.51
CA ALA A 147 14.82 12.74 7.96
C ALA A 147 13.88 13.76 8.61
N THR A 148 13.09 13.27 9.57
CA THR A 148 12.28 14.15 10.43
C THR A 148 13.12 14.85 11.51
N GLY A 149 14.27 14.28 11.84
CA GLY A 149 15.11 14.77 12.93
C GLY A 149 14.71 14.29 14.31
N LEU A 150 13.70 13.42 14.38
CA LEU A 150 13.21 12.88 15.64
C LEU A 150 13.74 11.47 15.81
N LYS A 151 14.26 11.17 17.01
CA LYS A 151 14.87 9.87 17.29
C LYS A 151 13.87 8.73 17.08
N SER A 152 12.67 8.90 17.63
CA SER A 152 11.61 7.90 17.53
C SER A 152 11.33 7.52 16.09
N VAL A 153 11.03 8.52 15.26
CA VAL A 153 10.59 8.28 13.90
C VAL A 153 11.76 7.80 13.03
N ASP A 154 12.88 8.53 13.03
CA ASP A 154 14.02 8.20 12.16
C ASP A 154 14.68 6.85 12.47
N ALA A 155 14.65 6.42 13.73
CA ALA A 155 15.20 5.13 14.14
C ALA A 155 14.19 3.98 14.01
N MET A 156 12.95 4.18 14.48
CA MET A 156 11.94 3.12 14.54
C MET A 156 10.96 3.07 13.36
N ILE A 157 10.54 4.24 12.86
CA ILE A 157 9.56 4.31 11.75
C ILE A 157 10.11 5.20 10.62
N PRO A 158 11.25 4.80 10.03
CA PRO A 158 11.97 5.68 9.10
C PRO A 158 11.21 5.97 7.81
N VAL A 159 11.13 7.25 7.45
CA VAL A 159 10.47 7.68 6.21
C VAL A 159 11.53 7.89 5.14
N GLY A 160 11.23 7.43 3.93
CA GLY A 160 12.12 7.58 2.77
C GLY A 160 11.57 8.56 1.76
N ARG A 161 12.41 8.97 0.81
CA ARG A 161 12.01 9.94 -0.22
C ARG A 161 11.18 9.25 -1.30
N GLY A 162 9.94 9.69 -1.45
CA GLY A 162 8.96 9.02 -2.32
C GLY A 162 7.92 8.20 -1.55
N GLN A 163 8.15 8.01 -0.25
CA GLN A 163 7.22 7.25 0.61
C GLN A 163 6.00 8.10 0.96
N ARG A 164 4.93 7.42 1.38
CA ARG A 164 3.79 8.04 2.03
C ARG A 164 3.69 7.44 3.43
N GLU A 165 3.75 8.29 4.45
CA GLU A 165 3.75 7.86 5.84
C GLU A 165 2.68 8.63 6.61
N LEU A 166 1.60 7.94 6.98
CA LEU A 166 0.49 8.53 7.72
C LEU A 166 0.92 8.92 9.13
N ILE A 167 0.48 10.08 9.59
CA ILE A 167 0.57 10.48 11.00
C ILE A 167 -0.86 10.53 11.51
N ILE A 168 -1.17 9.74 12.53
CA ILE A 168 -2.57 9.50 12.94
C ILE A 168 -2.71 9.50 14.47
N GLY A 169 -3.82 10.06 14.95
CA GLY A 169 -4.08 10.16 16.39
C GLY A 169 -5.09 11.24 16.73
N ASP A 170 -5.47 11.30 18.00
CA ASP A 170 -6.48 12.24 18.48
C ASP A 170 -5.97 13.68 18.37
N ARG A 171 -6.86 14.65 18.65
CA ARG A 171 -6.45 16.04 18.81
C ARG A 171 -5.47 16.16 19.98
N GLN A 172 -4.53 17.08 19.87
CA GLN A 172 -3.51 17.33 20.90
C GLN A 172 -2.67 16.08 21.25
N THR A 173 -2.29 15.33 20.22
CA THR A 173 -1.31 14.24 20.36
C THR A 173 0.03 14.60 19.70
N GLY A 174 0.16 15.81 19.18
CA GLY A 174 1.43 16.32 18.65
C GLY A 174 1.66 16.07 17.16
N LYS A 175 0.60 15.78 16.40
CA LYS A 175 0.69 15.48 14.97
C LYS A 175 1.31 16.61 14.15
N THR A 176 0.76 17.81 14.29
CA THR A 176 1.26 19.01 13.60
C THR A 176 2.71 19.35 13.96
N ALA A 177 3.06 19.16 15.24
CA ALA A 177 4.41 19.43 15.72
C ALA A 177 5.48 18.52 15.10
N ILE A 178 5.14 17.26 14.88
CA ILE A 178 6.03 16.30 14.20
C ILE A 178 6.28 16.75 12.77
N ALA A 179 5.21 17.15 12.09
CA ALA A 179 5.29 17.60 10.71
C ALA A 179 6.13 18.88 10.57
N LEU A 180 5.91 19.84 11.47
CA LEU A 180 6.67 21.10 11.45
C LEU A 180 8.15 20.87 11.75
N ASP A 181 8.45 20.05 12.76
CA ASP A 181 9.84 19.65 13.05
C ASP A 181 10.56 19.05 11.83
N THR A 182 9.85 18.23 11.06
CA THR A 182 10.38 17.67 9.82
C THR A 182 10.79 18.77 8.83
N ILE A 183 9.96 19.80 8.69
CA ILE A 183 10.26 20.93 7.81
C ILE A 183 11.48 21.70 8.33
N LEU A 184 11.49 21.97 9.64
CA LEU A 184 12.60 22.70 10.27
C LEU A 184 13.92 21.93 10.20
N ASN A 185 13.86 20.60 10.24
CA ASN A 185 15.05 19.76 10.16
C ASN A 185 15.81 19.85 8.82
N GLN A 186 15.09 20.14 7.74
CA GLN A 186 15.68 20.15 6.39
C GLN A 186 16.72 21.24 6.18
N ALA A 187 16.64 22.33 6.94
CA ALA A 187 17.66 23.40 6.90
C ALA A 187 19.09 22.90 7.12
N ASN A 188 19.25 21.89 7.98
CA ASN A 188 20.56 21.27 8.24
C ASN A 188 21.16 20.52 7.05
N TYR A 189 20.32 20.06 6.12
CA TYR A 189 20.75 19.35 4.92
C TYR A 189 20.48 20.10 3.60
N ASN A 190 19.80 21.23 3.65
CA ASN A 190 19.39 21.96 2.43
C ASN A 190 20.43 22.94 1.92
N GLY A 191 20.31 23.29 0.63
CA GLY A 191 21.23 24.19 -0.05
C GLY A 191 22.62 23.61 -0.31
N ARG A 192 22.73 22.27 -0.26
CA ARG A 192 24.01 21.59 -0.39
C ARG A 192 24.03 20.81 -1.71
N GLU A 193 23.78 21.53 -2.80
CA GLU A 193 23.66 20.94 -4.14
C GLU A 193 25.07 20.74 -4.71
N ALA A 194 25.79 19.78 -4.12
CA ALA A 194 27.25 19.67 -4.31
C ALA A 194 27.84 18.42 -3.66
N ASP A 195 27.48 18.18 -2.40
CA ASP A 195 28.01 17.04 -1.61
C ASP A 195 27.15 15.76 -1.75
N GLY A 196 26.39 15.63 -2.84
CA GLY A 196 25.43 14.53 -2.99
C GLY A 196 24.26 14.68 -2.05
N MET A 197 23.64 15.85 -2.07
CA MET A 197 22.52 16.19 -1.19
C MET A 197 21.51 17.07 -1.92
N LYS A 198 20.43 16.47 -2.40
CA LYS A 198 19.33 17.22 -3.02
C LYS A 198 18.52 17.95 -1.94
N THR A 199 18.13 19.18 -2.23
CA THR A 199 17.30 19.99 -1.35
C THR A 199 15.89 19.39 -1.28
N LEU A 200 15.37 19.24 -0.07
CA LEU A 200 13.97 18.86 0.15
C LEU A 200 13.13 20.12 0.30
N HIS A 201 12.31 20.38 -0.71
CA HIS A 201 11.40 21.54 -0.73
C HIS A 201 10.11 21.12 -0.04
N CYS A 202 9.60 21.96 0.86
CA CYS A 202 8.47 21.57 1.71
C CYS A 202 7.18 22.26 1.32
N ILE A 203 6.07 21.53 1.39
CA ILE A 203 4.76 22.07 1.07
C ILE A 203 3.80 21.71 2.19
N TYR A 204 3.45 22.70 3.02
CA TYR A 204 2.53 22.51 4.13
C TYR A 204 1.11 22.88 3.67
N VAL A 205 0.17 21.95 3.85
CA VAL A 205 -1.23 22.18 3.47
C VAL A 205 -2.09 22.25 4.73
N ALA A 206 -2.61 23.43 5.02
CA ALA A 206 -3.56 23.64 6.12
C ALA A 206 -4.97 23.46 5.58
N VAL A 207 -5.71 22.50 6.13
CA VAL A 207 -7.08 22.21 5.72
C VAL A 207 -7.99 22.21 6.96
N GLY A 208 -8.82 23.24 7.09
CA GLY A 208 -9.79 23.36 8.17
C GLY A 208 -9.26 23.79 9.52
N GLN A 209 -8.02 24.28 9.56
CA GLN A 209 -7.44 24.86 10.78
C GLN A 209 -7.90 26.30 10.91
N LYS A 210 -7.75 26.86 12.11
CA LYS A 210 -8.05 28.27 12.36
C LYS A 210 -7.00 29.15 11.69
N ARG A 211 -7.43 30.32 11.21
CA ARG A 211 -6.54 31.32 10.59
C ARG A 211 -5.36 31.68 11.49
N SER A 212 -5.64 31.81 12.80
CA SER A 212 -4.62 32.13 13.80
C SER A 212 -3.57 31.01 13.97
N THR A 213 -4.02 29.76 13.90
CA THR A 213 -3.12 28.60 13.97
C THR A 213 -2.13 28.54 12.81
N VAL A 214 -2.61 28.88 11.61
CA VAL A 214 -1.75 28.92 10.41
C VAL A 214 -0.74 30.06 10.50
N ALA A 215 -1.22 31.26 10.86
CA ALA A 215 -0.37 32.44 11.07
C ALA A 215 0.80 32.16 12.03
N GLN A 216 0.51 31.48 13.13
CA GLN A 216 1.56 31.07 14.09
C GLN A 216 2.57 30.08 13.51
N LEU A 217 2.09 29.14 12.70
CA LEU A 217 2.97 28.17 12.03
C LEU A 217 3.89 28.86 11.01
N VAL A 218 3.31 29.77 10.21
CA VAL A 218 4.06 30.57 9.24
C VAL A 218 5.11 31.43 9.95
N LYS A 219 4.70 32.04 11.07
CA LYS A 219 5.60 32.88 11.88
C LYS A 219 6.83 32.10 12.37
N LYS A 220 6.63 30.84 12.74
CA LYS A 220 7.74 29.95 13.10
C LYS A 220 8.64 29.63 11.91
N LEU A 221 8.02 29.36 10.76
CA LEU A 221 8.77 29.07 9.53
C LEU A 221 9.66 30.25 9.08
N GLU A 222 9.13 31.47 9.20
CA GLU A 222 9.86 32.68 8.82
C GLU A 222 10.99 33.05 9.77
N GLU A 223 10.74 32.97 11.08
CA GLU A 223 11.76 33.35 12.08
C GLU A 223 12.92 32.36 12.17
N THR A 224 12.68 31.09 11.84
CA THR A 224 13.75 30.08 11.72
C THR A 224 14.49 30.13 10.38
N GLY A 225 13.85 30.70 9.35
CA GLY A 225 14.38 30.71 7.99
C GLY A 225 13.91 29.55 7.13
N ALA A 226 13.12 28.63 7.71
CA ALA A 226 12.58 27.49 6.98
C ALA A 226 11.56 27.86 5.91
N MET A 227 11.01 29.08 5.97
CA MET A 227 10.10 29.59 4.95
C MET A 227 10.76 29.73 3.57
N ALA A 228 12.07 29.99 3.55
CA ALA A 228 12.86 30.07 2.30
C ALA A 228 12.63 28.89 1.33
N TYR A 229 12.53 27.68 1.89
CA TYR A 229 12.29 26.46 1.10
C TYR A 229 10.90 25.83 1.31
N THR A 230 9.92 26.64 1.73
CA THR A 230 8.58 26.13 2.05
C THR A 230 7.47 26.95 1.36
N THR A 231 6.43 26.25 0.92
CA THR A 231 5.20 26.85 0.41
C THR A 231 4.04 26.43 1.33
N VAL A 232 3.28 27.40 1.83
CA VAL A 232 2.09 27.11 2.63
C VAL A 232 0.85 27.31 1.76
N VAL A 233 -0.03 26.32 1.75
CA VAL A 233 -1.33 26.39 1.07
C VAL A 233 -2.39 26.30 2.15
N ALA A 234 -3.23 27.32 2.27
CA ALA A 234 -4.20 27.42 3.37
C ALA A 234 -5.65 27.44 2.89
N ALA A 235 -6.41 26.44 3.32
CA ALA A 235 -7.87 26.46 3.25
C ALA A 235 -8.37 26.32 4.69
N THR A 236 -8.53 27.46 5.34
CA THR A 236 -8.83 27.50 6.77
C THR A 236 -10.29 27.12 7.07
N ALA A 237 -10.63 27.02 8.37
CA ALA A 237 -12.00 26.71 8.80
C ALA A 237 -13.02 27.74 8.30
N SER A 238 -12.61 29.00 8.17
CA SER A 238 -13.46 30.07 7.63
C SER A 238 -13.60 30.05 6.11
N ASP A 239 -12.63 29.47 5.39
CA ASP A 239 -12.71 29.34 3.92
C ASP A 239 -13.76 28.29 3.51
N PRO A 240 -14.41 28.46 2.34
CA PRO A 240 -15.52 27.60 1.97
C PRO A 240 -15.08 26.17 1.62
N ALA A 241 -15.99 25.21 1.80
CA ALA A 241 -15.68 23.77 1.69
C ALA A 241 -14.96 23.35 0.40
N PRO A 242 -15.36 23.89 -0.77
CA PRO A 242 -14.62 23.57 -2.01
C PRO A 242 -13.13 23.92 -2.02
N MET A 243 -12.72 24.95 -1.28
CA MET A 243 -11.30 25.25 -1.11
C MET A 243 -10.58 24.23 -0.22
N GLN A 244 -11.28 23.75 0.81
CA GLN A 244 -10.75 22.68 1.68
C GLN A 244 -10.61 21.37 0.90
N TYR A 245 -11.61 21.03 0.11
CA TYR A 245 -11.58 19.86 -0.80
C TYR A 245 -10.40 19.93 -1.77
N LEU A 246 -10.20 21.11 -2.38
CA LEU A 246 -9.21 21.26 -3.45
C LEU A 246 -7.76 21.36 -2.95
N ALA A 247 -7.54 22.04 -1.83
CA ALA A 247 -6.20 22.42 -1.38
C ALA A 247 -5.13 21.30 -1.41
N PRO A 248 -5.46 20.09 -0.93
CA PRO A 248 -4.52 18.96 -1.05
C PRO A 248 -4.10 18.61 -2.49
N TYR A 249 -5.05 18.62 -3.43
CA TYR A 249 -4.74 18.36 -4.83
C TYR A 249 -3.85 19.45 -5.43
N SER A 250 -4.26 20.71 -5.24
CA SER A 250 -3.52 21.87 -5.75
C SER A 250 -2.08 21.90 -5.23
N ALA A 251 -1.91 21.68 -3.93
CA ALA A 251 -0.59 21.62 -3.31
C ALA A 251 0.26 20.45 -3.83
N THR A 252 -0.38 19.32 -4.11
CA THR A 252 0.32 18.17 -4.71
C THR A 252 0.87 18.54 -6.10
N ALA A 253 0.08 19.28 -6.89
CA ALA A 253 0.53 19.77 -8.20
C ALA A 253 1.75 20.68 -8.08
N MET A 254 1.75 21.54 -7.06
CA MET A 254 2.90 22.39 -6.73
C MET A 254 4.11 21.54 -6.34
N GLY A 255 3.88 20.49 -5.56
CA GLY A 255 4.93 19.53 -5.23
C GLY A 255 5.46 18.73 -6.41
N GLU A 256 4.58 18.42 -7.35
CA GLU A 256 4.96 17.68 -8.56
C GLU A 256 5.89 18.45 -9.51
N TYR A 257 5.92 19.78 -9.41
CA TYR A 257 6.94 20.57 -10.12
C TYR A 257 8.35 20.07 -9.80
N PHE A 258 8.60 19.84 -8.52
CA PHE A 258 9.91 19.42 -8.05
C PHE A 258 10.18 17.97 -8.45
N ARG A 259 9.22 17.10 -8.15
CA ARG A 259 9.30 15.68 -8.48
C ARG A 259 9.59 15.42 -9.97
N ASP A 260 8.92 16.15 -10.85
CA ASP A 260 9.06 15.94 -12.31
C ASP A 260 10.30 16.58 -12.95
N ASN A 261 10.93 17.54 -12.27
CA ASN A 261 12.12 18.22 -12.79
C ASN A 261 13.39 17.94 -11.99
N GLY A 262 13.58 16.66 -11.63
CA GLY A 262 14.81 16.20 -10.99
C GLY A 262 15.09 16.71 -9.58
N MET A 263 14.05 17.13 -8.86
CA MET A 263 14.18 17.67 -7.51
C MET A 263 13.29 16.91 -6.52
N ASP A 264 13.61 17.08 -5.23
CA ASP A 264 12.89 16.40 -4.15
C ASP A 264 11.97 17.37 -3.44
N ALA A 265 10.79 16.88 -3.05
CA ALA A 265 9.84 17.66 -2.27
C ALA A 265 9.16 16.83 -1.19
N LEU A 266 8.66 17.53 -0.18
CA LEU A 266 7.86 16.96 0.90
C LEU A 266 6.53 17.70 0.95
N ILE A 267 5.43 16.97 1.10
CA ILE A 267 4.11 17.57 1.26
C ILE A 267 3.43 17.03 2.52
N ILE A 268 2.78 17.93 3.26
CA ILE A 268 2.12 17.60 4.51
C ILE A 268 0.66 18.03 4.39
N TYR A 269 -0.25 17.06 4.47
CA TYR A 269 -1.68 17.32 4.44
C TYR A 269 -2.17 17.38 5.88
N ASP A 270 -2.48 18.58 6.36
CA ASP A 270 -2.87 18.81 7.76
C ASP A 270 -4.25 19.51 7.82
N ASP A 271 -5.35 18.76 7.77
CA ASP A 271 -5.38 17.29 7.71
C ASP A 271 -6.40 16.80 6.69
N LEU A 272 -6.30 15.51 6.36
CA LEU A 272 -7.20 14.87 5.39
C LEU A 272 -8.55 14.45 5.95
N SER A 273 -8.71 14.44 7.27
CA SER A 273 -10.04 14.21 7.87
C SER A 273 -10.98 15.34 7.48
N LYS A 274 -10.50 16.58 7.52
CA LYS A 274 -11.30 17.75 7.15
C LYS A 274 -11.54 17.88 5.63
N GLN A 275 -10.62 17.38 4.81
CA GLN A 275 -10.85 17.31 3.36
C GLN A 275 -12.01 16.36 3.05
N ALA A 276 -12.05 15.22 3.73
CA ALA A 276 -13.13 14.25 3.59
C ALA A 276 -14.47 14.80 4.10
N VAL A 277 -14.43 15.54 5.20
CA VAL A 277 -15.61 16.23 5.74
C VAL A 277 -16.10 17.29 4.75
N ALA A 278 -15.17 18.03 4.16
CA ALA A 278 -15.50 19.04 3.15
C ALA A 278 -16.12 18.40 1.91
N TYR A 279 -15.52 17.30 1.44
CA TYR A 279 -16.02 16.55 0.30
C TYR A 279 -17.44 16.02 0.54
N ARG A 280 -17.68 15.50 1.74
CA ARG A 280 -19.01 15.03 2.16
C ARG A 280 -20.08 16.12 2.11
N GLN A 281 -19.72 17.34 2.51
CA GLN A 281 -20.65 18.47 2.48
C GLN A 281 -21.02 18.88 1.05
N MET A 282 -20.01 19.07 0.20
CA MET A 282 -20.22 19.43 -1.20
C MET A 282 -21.08 18.41 -1.94
N SER A 283 -20.77 17.13 -1.73
CA SER A 283 -21.44 16.03 -2.41
C SER A 283 -22.93 15.96 -2.02
N LEU A 284 -23.23 16.03 -0.73
CA LEU A 284 -24.61 16.03 -0.27
C LEU A 284 -25.40 17.28 -0.70
N LEU A 285 -24.71 18.44 -0.79
CA LEU A 285 -25.33 19.66 -1.32
C LEU A 285 -25.57 19.63 -2.83
N LEU A 286 -24.81 18.80 -3.56
CA LEU A 286 -25.08 18.48 -4.97
C LEU A 286 -26.12 17.35 -5.16
N ARG A 287 -26.81 16.97 -4.08
CA ARG A 287 -27.80 15.88 -4.08
C ARG A 287 -27.27 14.52 -4.60
N ARG A 288 -25.99 14.25 -4.32
CA ARG A 288 -25.40 12.95 -4.62
C ARG A 288 -25.70 12.00 -3.47
N PRO A 289 -25.78 10.68 -3.73
CA PRO A 289 -26.22 9.77 -2.69
C PRO A 289 -25.19 9.59 -1.56
N PRO A 290 -25.66 9.21 -0.36
CA PRO A 290 -24.75 8.97 0.76
C PRO A 290 -24.12 7.58 0.68
N GLY A 291 -22.84 7.48 1.01
CA GLY A 291 -22.13 6.20 1.18
C GLY A 291 -21.98 5.89 2.66
N ARG A 292 -20.99 5.05 2.99
CA ARG A 292 -20.73 4.67 4.38
C ARG A 292 -20.38 5.91 5.21
N GLU A 293 -20.95 5.99 6.42
CA GLU A 293 -20.84 7.16 7.31
C GLU A 293 -21.26 8.48 6.64
N ALA A 294 -22.20 8.39 5.70
CA ALA A 294 -22.68 9.52 4.89
C ALA A 294 -21.65 10.19 3.96
N TYR A 295 -20.40 9.72 3.93
CA TYR A 295 -19.40 10.23 2.98
C TYR A 295 -19.74 9.76 1.57
N PRO A 296 -19.21 10.41 0.53
CA PRO A 296 -19.51 9.94 -0.83
C PRO A 296 -18.93 8.55 -1.09
N GLY A 297 -19.57 7.81 -1.99
CA GLY A 297 -19.18 6.42 -2.29
C GLY A 297 -17.71 6.21 -2.62
N ASP A 298 -17.09 7.20 -3.25
CA ASP A 298 -15.67 7.16 -3.64
C ASP A 298 -14.74 7.95 -2.70
N VAL A 299 -15.09 8.07 -1.42
CA VAL A 299 -14.27 8.81 -0.47
C VAL A 299 -12.86 8.20 -0.29
N PHE A 300 -12.75 6.88 -0.45
CA PHE A 300 -11.44 6.20 -0.49
C PHE A 300 -10.61 6.71 -1.68
N TYR A 301 -11.25 6.77 -2.85
CA TYR A 301 -10.62 7.22 -4.09
C TYR A 301 -10.11 8.66 -3.99
N LEU A 302 -10.86 9.52 -3.29
CA LEU A 302 -10.42 10.89 -2.96
C LEU A 302 -8.98 10.92 -2.43
N HIS A 303 -8.72 10.13 -1.40
CA HIS A 303 -7.41 10.08 -0.76
C HIS A 303 -6.40 9.20 -1.48
N SER A 304 -6.86 8.13 -2.13
CA SER A 304 -5.94 7.19 -2.79
C SER A 304 -5.29 7.80 -4.05
N ARG A 305 -6.07 8.55 -4.83
CA ARG A 305 -5.52 9.20 -6.03
C ARG A 305 -4.58 10.34 -5.67
N LEU A 306 -4.88 11.03 -4.57
CA LEU A 306 -3.99 12.04 -3.99
C LEU A 306 -2.64 11.43 -3.62
N LEU A 307 -2.66 10.45 -2.72
CA LEU A 307 -1.43 9.90 -2.15
C LEU A 307 -0.61 9.05 -3.13
N GLU A 308 -1.26 8.44 -4.12
CA GLU A 308 -0.55 7.76 -5.23
C GLU A 308 0.39 8.69 -6.02
N ARG A 309 0.08 9.99 -6.05
CA ARG A 309 0.93 10.98 -6.73
C ARG A 309 2.27 11.25 -6.04
N SER A 310 2.38 10.94 -4.75
CA SER A 310 3.68 10.95 -4.07
C SER A 310 4.44 9.71 -4.50
N ALA A 311 5.69 9.88 -4.96
CA ALA A 311 6.44 8.79 -5.60
C ALA A 311 7.92 9.09 -5.70
N LYS A 312 8.70 8.05 -5.99
CA LYS A 312 10.12 8.15 -6.31
C LYS A 312 10.33 7.72 -7.77
N LEU A 313 10.79 8.64 -8.61
CA LEU A 313 11.00 8.36 -10.03
C LEU A 313 12.40 7.82 -10.29
N ASN A 314 12.55 7.10 -11.39
CA ASN A 314 13.83 6.50 -11.78
C ASN A 314 14.76 7.52 -12.48
N GLU A 315 15.96 7.08 -12.84
CA GLU A 315 16.95 7.94 -13.48
C GLU A 315 16.47 8.45 -14.85
N ALA A 316 15.78 7.59 -15.59
CA ALA A 316 15.20 7.95 -16.90
C ALA A 316 14.17 9.08 -16.83
N ASN A 317 13.50 9.24 -15.69
CA ASN A 317 12.54 10.32 -15.46
C ASN A 317 13.05 11.44 -14.53
N GLY A 318 14.37 11.55 -14.37
CA GLY A 318 14.98 12.63 -13.61
C GLY A 318 15.35 12.32 -12.16
N ALA A 319 14.87 11.19 -11.64
CA ALA A 319 15.17 10.73 -10.27
C ALA A 319 14.58 11.61 -9.15
N GLY A 320 13.65 12.50 -9.48
CA GLY A 320 13.02 13.36 -8.47
C GLY A 320 12.03 12.59 -7.61
N SER A 321 11.58 13.20 -6.51
CA SER A 321 10.66 12.55 -5.59
C SER A 321 9.71 13.51 -4.90
N LEU A 322 8.54 12.98 -4.53
CA LEU A 322 7.56 13.67 -3.68
C LEU A 322 7.19 12.72 -2.54
N THR A 323 7.50 13.13 -1.32
CA THR A 323 7.16 12.37 -0.11
C THR A 323 5.94 13.02 0.53
N ALA A 324 5.04 12.20 1.07
CA ALA A 324 3.82 12.69 1.72
C ALA A 324 3.75 12.28 3.18
N LEU A 325 3.40 13.24 4.03
CA LEU A 325 2.99 12.99 5.41
C LEU A 325 1.53 13.41 5.55
N PRO A 326 0.58 12.52 5.16
CA PRO A 326 -0.82 12.83 5.41
C PRO A 326 -1.17 12.68 6.88
N ILE A 327 -2.08 13.52 7.37
CA ILE A 327 -2.52 13.47 8.75
C ILE A 327 -4.01 13.11 8.82
N ILE A 328 -4.36 12.26 9.77
CA ILE A 328 -5.74 11.90 10.07
C ILE A 328 -5.98 12.11 11.56
N GLU A 329 -7.16 12.65 11.88
CA GLU A 329 -7.59 12.84 13.26
C GLU A 329 -8.58 11.72 13.62
N THR A 330 -8.18 10.87 14.57
CA THR A 330 -9.08 9.87 15.14
C THR A 330 -9.88 10.48 16.29
N GLN A 331 -10.91 9.76 16.71
CA GLN A 331 -11.75 10.11 17.85
C GLN A 331 -11.60 9.00 18.88
N ALA A 332 -11.12 9.36 20.08
CA ALA A 332 -10.90 8.42 21.19
C ALA A 332 -10.01 7.21 20.82
N GLY A 333 -9.02 7.44 19.96
CA GLY A 333 -8.10 6.38 19.54
C GLY A 333 -8.68 5.36 18.57
N ASP A 334 -9.82 5.67 17.95
CA ASP A 334 -10.53 4.71 17.10
C ASP A 334 -9.91 4.65 15.69
N VAL A 335 -8.81 3.90 15.59
CA VAL A 335 -8.15 3.63 14.29
C VAL A 335 -8.90 2.63 13.40
N SER A 336 -9.91 1.95 13.94
CA SER A 336 -10.82 1.09 13.16
C SER A 336 -11.90 1.86 12.41
N ALA A 337 -12.02 3.17 12.64
CA ALA A 337 -13.01 4.00 11.95
C ALA A 337 -12.76 4.07 10.44
N TYR A 338 -13.77 4.53 9.71
CA TYR A 338 -13.84 4.37 8.25
C TYR A 338 -12.75 5.11 7.49
N ILE A 339 -12.65 6.41 7.73
CA ILE A 339 -11.68 7.25 7.02
C ILE A 339 -10.23 6.93 7.45
N PRO A 340 -9.99 6.70 8.75
CA PRO A 340 -8.68 6.17 9.19
C PRO A 340 -8.26 4.84 8.53
N THR A 341 -9.20 3.89 8.47
CA THR A 341 -8.99 2.60 7.80
C THR A 341 -8.64 2.77 6.32
N ASN A 342 -9.30 3.71 5.65
CA ASN A 342 -8.99 4.02 4.25
C ASN A 342 -7.54 4.46 4.04
N VAL A 343 -7.11 5.45 4.81
CA VAL A 343 -5.79 6.06 4.64
C VAL A 343 -4.65 5.16 5.13
N ILE A 344 -4.91 4.37 6.18
CA ILE A 344 -3.99 3.30 6.60
C ILE A 344 -3.75 2.29 5.46
N SER A 345 -4.81 1.97 4.70
CA SER A 345 -4.70 1.05 3.56
C SER A 345 -4.08 1.69 2.30
N ILE A 346 -3.84 3.00 2.32
CA ILE A 346 -3.21 3.71 1.21
C ILE A 346 -1.70 3.88 1.43
N THR A 347 -1.33 4.44 2.57
CA THR A 347 0.06 4.82 2.85
C THR A 347 0.98 3.61 3.09
N ASP A 348 2.28 3.90 3.15
CA ASP A 348 3.32 2.88 3.33
C ASP A 348 3.71 2.74 4.80
N GLY A 349 2.71 2.60 5.67
CA GLY A 349 2.92 2.59 7.11
C GLY A 349 2.33 3.83 7.77
N GLN A 350 2.33 3.85 9.10
CA GLN A 350 1.81 4.97 9.86
C GLN A 350 2.58 5.20 11.15
N ILE A 351 2.47 6.43 11.65
CA ILE A 351 2.97 6.82 12.95
C ILE A 351 1.73 7.14 13.77
N PHE A 352 1.36 6.23 14.69
CA PHE A 352 0.22 6.44 15.56
C PHE A 352 0.65 7.16 16.83
N LEU A 353 0.16 8.40 17.01
CA LEU A 353 0.42 9.17 18.22
C LEU A 353 -0.73 8.97 19.19
N GLU A 354 -0.40 8.58 20.44
CA GLU A 354 -1.39 8.14 21.42
C GLU A 354 -1.60 9.17 22.53
N THR A 355 -2.86 9.32 22.97
CA THR A 355 -3.23 10.29 24.01
C THR A 355 -2.65 9.94 25.38
N GLU A 356 -2.70 8.65 25.73
CA GLU A 356 -2.20 8.18 27.04
C GLU A 356 -0.70 8.42 27.21
N LEU A 357 0.07 8.22 26.14
CA LEU A 357 1.50 8.54 26.15
C LEU A 357 1.75 10.05 26.22
N PHE A 358 0.98 10.81 25.43
CA PHE A 358 1.09 12.29 25.42
C PHE A 358 0.74 12.89 26.79
N PHE A 359 -0.35 12.41 27.37
CA PHE A 359 -0.78 12.79 28.73
C PHE A 359 0.33 12.60 29.78
N GLN A 360 1.12 11.54 29.63
CA GLN A 360 2.21 11.21 30.56
C GLN A 360 3.56 11.90 30.25
N GLY A 361 3.61 12.71 29.20
CA GLY A 361 4.84 13.40 28.82
C GLY A 361 5.82 12.55 28.01
N ILE A 362 5.33 11.44 27.47
CA ILE A 362 6.10 10.64 26.52
C ILE A 362 5.81 11.23 25.14
N ARG A 363 6.71 12.13 24.70
CA ARG A 363 6.53 12.90 23.47
C ARG A 363 7.86 12.95 22.71
N PRO A 364 7.91 12.59 21.43
CA PRO A 364 6.75 12.22 20.59
C PRO A 364 6.04 10.94 21.04
N ALA A 365 4.71 10.97 21.00
CA ALA A 365 3.86 9.95 21.62
C ALA A 365 3.67 8.72 20.73
N VAL A 366 4.78 8.10 20.32
CA VAL A 366 4.77 7.03 19.34
C VAL A 366 4.39 5.70 19.97
N ASN A 367 3.22 5.18 19.58
CA ASN A 367 2.83 3.81 19.89
C ASN A 367 3.66 2.85 19.04
N THR A 368 4.64 2.21 19.67
CA THR A 368 5.60 1.34 18.97
C THR A 368 4.98 0.09 18.36
N GLY A 369 3.90 -0.40 18.96
CA GLY A 369 3.22 -1.61 18.47
C GLY A 369 2.41 -1.41 17.21
N LEU A 370 1.69 -0.29 17.12
CA LEU A 370 0.84 0.03 15.97
C LEU A 370 1.55 0.81 14.87
N SER A 371 2.63 1.51 15.20
CA SER A 371 3.37 2.28 14.20
C SER A 371 4.32 1.40 13.40
N VAL A 372 4.48 1.70 12.11
CA VAL A 372 5.39 0.95 11.24
C VAL A 372 5.74 1.75 9.97
N SER A 373 6.92 1.48 9.42
CA SER A 373 7.32 1.93 8.10
C SER A 373 7.51 0.69 7.23
N ARG A 374 6.70 0.56 6.19
CA ARG A 374 6.82 -0.55 5.24
C ARG A 374 8.14 -0.54 4.47
N VAL A 375 8.69 0.66 4.23
CA VAL A 375 9.99 0.80 3.53
C VAL A 375 11.14 0.33 4.44
N GLY A 376 11.08 0.68 5.72
CA GLY A 376 12.01 0.16 6.72
C GLY A 376 13.44 0.62 6.51
N SER A 377 14.38 -0.32 6.65
CA SER A 377 15.83 -0.07 6.52
C SER A 377 16.27 0.64 5.25
N ALA A 378 15.56 0.41 4.14
CA ALA A 378 15.85 1.10 2.88
C ALA A 378 15.81 2.62 3.00
N ALA A 379 14.96 3.14 3.88
CA ALA A 379 14.85 4.58 4.15
C ALA A 379 15.88 5.14 5.14
N GLN A 380 16.80 4.32 5.64
CA GLN A 380 17.80 4.75 6.62
C GLN A 380 19.20 4.76 6.02
N THR A 381 20.12 5.42 6.74
CA THR A 381 21.54 5.36 6.43
C THR A 381 22.12 4.02 6.91
N LYS A 382 23.31 3.68 6.41
CA LYS A 382 24.06 2.51 6.88
C LYS A 382 24.35 2.57 8.38
N ALA A 383 24.71 3.75 8.87
CA ALA A 383 24.96 3.97 10.30
C ALA A 383 23.70 3.73 11.14
N MET A 384 22.59 4.34 10.75
CA MET A 384 21.31 4.22 11.46
C MET A 384 20.82 2.77 11.46
N LYS A 385 20.86 2.14 10.28
CA LYS A 385 20.47 0.74 10.10
C LYS A 385 21.21 -0.21 11.05
N SER A 386 22.50 0.02 11.24
CA SER A 386 23.35 -0.86 12.05
C SER A 386 23.06 -0.87 13.55
N VAL A 387 22.43 0.20 14.07
CA VAL A 387 22.07 0.28 15.49
C VAL A 387 20.56 0.30 15.80
N ALA A 388 19.74 0.78 14.86
CA ALA A 388 18.31 1.01 15.11
C ALA A 388 17.42 -0.24 15.05
N GLY A 389 17.92 -1.34 14.48
CA GLY A 389 17.14 -2.55 14.19
C GLY A 389 16.18 -3.07 15.26
N PRO A 390 16.71 -3.42 16.45
CA PRO A 390 15.88 -4.05 17.50
C PRO A 390 15.13 -3.10 18.43
N VAL A 391 15.15 -1.80 18.14
CA VAL A 391 14.71 -0.78 19.11
C VAL A 391 13.19 -0.71 19.24
N LYS A 392 12.47 -0.84 18.13
CA LYS A 392 11.00 -0.80 18.15
C LYS A 392 10.40 -1.99 18.89
N LEU A 393 10.92 -3.18 18.63
CA LEU A 393 10.47 -4.40 19.32
C LEU A 393 10.73 -4.33 20.81
N GLU A 394 11.96 -3.94 21.18
CA GLU A 394 12.33 -3.79 22.59
C GLU A 394 11.42 -2.80 23.35
N LEU A 395 11.08 -1.67 22.72
CA LEU A 395 10.21 -0.67 23.36
C LEU A 395 8.74 -1.11 23.42
N ALA A 396 8.28 -1.86 22.42
CA ALA A 396 6.93 -2.44 22.45
C ALA A 396 6.82 -3.49 23.55
N GLN A 397 7.81 -4.36 23.63
CA GLN A 397 7.93 -5.36 24.71
C GLN A 397 8.07 -4.72 26.09
N TYR A 398 8.85 -3.64 26.19
CA TYR A 398 9.00 -2.91 27.45
C TYR A 398 7.67 -2.41 28.00
N ARG A 399 6.90 -1.75 27.14
CA ARG A 399 5.61 -1.17 27.53
C ARG A 399 4.62 -2.26 27.96
N GLU A 400 4.68 -3.40 27.28
CA GLU A 400 3.90 -4.58 27.65
C GLU A 400 4.30 -5.09 29.04
N MET A 401 5.61 -5.17 29.30
CA MET A 401 6.15 -5.60 30.61
C MET A 401 5.86 -4.60 31.74
N ALA A 402 5.94 -3.31 31.45
CA ALA A 402 5.62 -2.26 32.43
C ALA A 402 4.14 -2.32 32.81
N ALA A 403 3.28 -2.59 31.84
CA ALA A 403 1.85 -2.80 32.09
C ALA A 403 1.60 -4.01 32.99
N PHE A 404 2.33 -5.09 32.74
CA PHE A 404 2.29 -6.28 33.59
C PHE A 404 2.79 -5.99 35.00
N ALA A 405 3.86 -5.21 35.12
CA ALA A 405 4.44 -4.84 36.42
C ALA A 405 3.47 -4.12 37.37
N GLN A 406 2.50 -3.39 36.81
CA GLN A 406 1.45 -2.70 37.61
C GLN A 406 0.68 -3.63 38.56
N PHE A 407 0.47 -4.89 38.15
CA PHE A 407 -0.22 -5.87 38.97
C PHE A 407 0.52 -6.19 40.28
N GLY A 408 1.84 -6.06 40.27
CA GLY A 408 2.63 -6.23 41.48
C GLY A 408 2.80 -7.68 41.92
N SER A 409 2.85 -8.59 40.95
CA SER A 409 3.30 -9.96 41.18
C SER A 409 4.83 -9.94 41.13
N ASP A 410 5.46 -11.10 41.30
CA ASP A 410 6.92 -11.15 41.36
C ASP A 410 7.60 -10.93 40.01
N LEU A 411 8.59 -10.04 40.00
CA LEU A 411 9.42 -9.78 38.84
C LEU A 411 10.81 -10.32 39.13
N ASP A 412 11.26 -11.28 38.31
CA ASP A 412 12.61 -11.83 38.43
C ASP A 412 13.67 -10.82 37.98
N ALA A 413 14.94 -11.14 38.20
CA ALA A 413 16.06 -10.25 37.85
C ALA A 413 16.14 -9.90 36.36
N ALA A 414 15.83 -10.88 35.51
CA ALA A 414 15.84 -10.68 34.04
C ALA A 414 14.76 -9.68 33.61
N THR A 415 13.56 -9.81 34.17
CA THR A 415 12.45 -8.87 33.93
C THR A 415 12.80 -7.46 34.41
N GLN A 416 13.36 -7.36 35.62
CA GLN A 416 13.81 -6.09 36.19
C GLN A 416 14.87 -5.39 35.30
N LYS A 417 15.75 -6.18 34.70
CA LYS A 417 16.81 -5.65 33.85
C LYS A 417 16.25 -5.03 32.56
N LEU A 418 15.24 -5.66 31.98
CA LEU A 418 14.53 -5.11 30.83
C LEU A 418 13.73 -3.84 31.18
N LEU A 419 13.03 -3.86 32.32
CA LEU A 419 12.28 -2.70 32.79
C LEU A 419 13.18 -1.49 33.04
N ASN A 420 14.34 -1.72 33.65
CA ASN A 420 15.34 -0.67 33.87
C ASN A 420 15.90 -0.12 32.55
N ARG A 421 16.20 -1.01 31.61
CA ARG A 421 16.71 -0.61 30.29
C ARG A 421 15.67 0.13 29.47
N GLY A 422 14.47 -0.44 29.36
CA GLY A 422 13.39 0.14 28.58
C GLY A 422 12.88 1.49 29.10
N ALA A 423 12.88 1.65 30.42
CA ALA A 423 12.55 2.94 31.04
C ALA A 423 13.53 4.04 30.64
N ARG A 424 14.81 3.68 30.50
CA ARG A 424 15.84 4.61 30.04
C ARG A 424 15.75 4.88 28.53
N LEU A 425 15.49 3.83 27.75
CA LEU A 425 15.24 3.99 26.31
C LEU A 425 14.01 4.87 26.02
N THR A 426 12.96 4.72 26.82
CA THR A 426 11.79 5.61 26.77
C THR A 426 12.18 7.08 26.97
N GLU A 427 13.01 7.34 27.97
CA GLU A 427 13.50 8.71 28.24
C GLU A 427 14.37 9.22 27.09
N LEU A 428 15.20 8.34 26.51
CA LEU A 428 16.02 8.71 25.35
C LEU A 428 15.21 9.06 24.11
N MET A 429 14.04 8.42 23.95
CA MET A 429 13.14 8.73 22.83
C MET A 429 12.29 10.00 23.05
N LYS A 430 12.23 10.52 24.27
CA LYS A 430 11.59 11.81 24.53
C LYS A 430 12.37 12.92 23.82
N GLN A 431 11.65 13.93 23.34
CA GLN A 431 12.26 15.00 22.54
C GLN A 431 11.31 16.19 22.44
N PRO A 432 11.75 17.39 22.86
CA PRO A 432 10.86 18.56 22.79
C PRO A 432 10.70 19.08 21.36
N GLN A 433 9.78 20.03 21.18
CA GLN A 433 9.57 20.69 19.89
C GLN A 433 10.78 21.49 19.46
N TYR A 434 10.88 21.69 18.14
CA TYR A 434 11.90 22.55 17.52
C TYR A 434 13.35 22.14 17.82
N SER A 435 13.58 20.87 18.15
CA SER A 435 14.88 20.41 18.58
C SER A 435 15.27 19.10 17.87
N PRO A 436 15.29 19.13 16.53
CA PRO A 436 15.69 17.94 15.79
C PRO A 436 17.18 17.66 15.87
N LEU A 437 17.54 16.38 15.83
CA LEU A 437 18.93 15.95 15.84
C LEU A 437 19.28 15.46 14.46
N THR A 438 20.57 15.53 14.12
CA THR A 438 21.07 14.99 12.86
C THR A 438 21.07 13.47 12.90
N ASN A 439 21.25 12.85 11.73
CA ASN A 439 21.40 11.41 11.61
C ASN A 439 22.54 10.88 12.50
N ALA A 440 23.71 11.53 12.40
CA ALA A 440 24.89 11.18 13.18
C ALA A 440 24.64 11.24 14.69
N GLU A 441 23.95 12.29 15.13
CA GLU A 441 23.61 12.48 16.53
C GLU A 441 22.67 11.38 17.07
N ILE A 442 21.63 11.05 16.30
CA ILE A 442 20.66 10.01 16.70
C ILE A 442 21.33 8.63 16.81
N VAL A 443 22.17 8.30 15.82
CA VAL A 443 22.93 7.04 15.81
C VAL A 443 23.69 6.83 17.13
N ILE A 444 24.39 7.87 17.59
CA ILE A 444 25.20 7.79 18.82
C ILE A 444 24.31 7.67 20.07
N VAL A 445 23.21 8.42 20.09
CA VAL A 445 22.24 8.35 21.21
C VAL A 445 21.61 6.96 21.28
N ILE A 446 21.23 6.41 20.12
CA ILE A 446 20.69 5.05 20.04
C ILE A 446 21.74 4.02 20.48
N TYR A 447 22.97 4.19 20.02
CA TYR A 447 24.09 3.31 20.41
C TYR A 447 24.26 3.32 21.93
N ALA A 448 24.29 4.52 22.51
CA ALA A 448 24.45 4.70 23.95
C ALA A 448 23.38 3.99 24.78
N GLY A 449 22.13 4.13 24.38
CA GLY A 449 21.01 3.47 25.06
C GLY A 449 21.05 1.96 24.97
N THR A 450 21.21 1.46 23.73
CA THR A 450 21.20 0.02 23.48
C THR A 450 22.42 -0.74 24.02
N LYS A 451 23.54 -0.04 24.20
CA LYS A 451 24.79 -0.67 24.67
C LYS A 451 25.05 -0.48 26.17
N GLY A 452 24.07 0.04 26.91
CA GLY A 452 24.14 0.07 28.38
C GLY A 452 24.82 1.27 29.02
N TYR A 453 25.11 2.31 28.26
CA TYR A 453 25.80 3.50 28.78
C TYR A 453 24.96 4.32 29.78
N LEU A 454 23.64 4.16 29.77
CA LEU A 454 22.76 4.83 30.73
C LEU A 454 22.30 3.96 31.92
N ASP A 455 22.82 2.74 32.05
CA ASP A 455 22.38 1.81 33.10
C ASP A 455 22.68 2.30 34.52
N GLY A 456 23.83 2.97 34.70
CA GLY A 456 24.21 3.55 35.99
C GLY A 456 23.72 4.96 36.24
N ILE A 457 22.79 5.44 35.41
CA ILE A 457 22.26 6.79 35.51
C ILE A 457 20.77 6.67 35.85
N PRO A 458 20.32 7.40 36.91
CA PRO A 458 18.90 7.38 37.27
C PRO A 458 17.95 7.77 36.13
N VAL A 459 16.73 7.24 36.18
CA VAL A 459 15.72 7.48 35.16
C VAL A 459 15.41 8.98 35.04
N ARG A 460 15.38 9.66 36.19
CA ARG A 460 15.21 11.12 36.27
C ARG A 460 16.19 11.90 35.40
N ASP A 461 17.45 11.47 35.38
CA ASP A 461 18.55 12.25 34.79
C ASP A 461 18.96 11.84 33.37
N VAL A 462 18.17 11.01 32.70
CA VAL A 462 18.50 10.53 31.35
C VAL A 462 18.47 11.66 30.31
N THR A 463 17.40 12.45 30.32
CA THR A 463 17.27 13.58 29.37
C THR A 463 18.33 14.65 29.62
N LYS A 464 18.63 14.89 30.91
CA LYS A 464 19.77 15.73 31.32
C LYS A 464 21.09 15.19 30.77
N TRP A 465 21.32 13.90 30.97
CA TRP A 465 22.50 13.19 30.45
C TRP A 465 22.61 13.28 28.92
N GLU A 466 21.47 13.15 28.23
CA GLU A 466 21.43 13.29 26.77
C GLU A 466 21.72 14.71 26.30
N HIS A 467 21.15 15.70 26.99
CA HIS A 467 21.35 17.11 26.66
C HIS A 467 22.83 17.51 26.73
N GLY A 468 23.51 17.05 27.78
CA GLY A 468 24.95 17.26 27.92
C GLY A 468 25.78 16.54 26.87
N LEU A 469 25.38 15.32 26.52
CA LEU A 469 26.06 14.52 25.49
C LEU A 469 26.07 15.22 24.13
N LEU A 470 24.90 15.74 23.72
CA LEU A 470 24.76 16.45 22.45
C LEU A 470 25.64 17.70 22.39
N GLN A 471 25.70 18.45 23.49
CA GLN A 471 26.58 19.62 23.59
C GLN A 471 28.07 19.22 23.55
N TYR A 472 28.41 18.15 24.26
CA TYR A 472 29.77 17.57 24.20
C TYR A 472 30.13 17.13 22.78
N LEU A 473 29.22 16.41 22.12
CA LEU A 473 29.46 15.94 20.75
C LEU A 473 29.62 17.09 19.75
N ARG A 474 28.79 18.11 19.88
CA ARG A 474 28.84 19.26 18.96
C ARG A 474 30.09 20.13 19.14
N ASN A 475 30.55 20.27 20.38
CA ASN A 475 31.74 21.07 20.69
C ASN A 475 33.04 20.28 20.57
N GLN A 476 33.09 19.10 21.20
CA GLN A 476 34.33 18.33 21.35
C GLN A 476 34.60 17.29 20.24
N LYS A 477 33.58 16.89 19.49
CA LYS A 477 33.74 15.88 18.44
C LYS A 477 32.88 16.17 17.21
N ALA A 478 32.99 17.42 16.72
CA ALA A 478 32.33 17.83 15.48
C ALA A 478 32.90 17.09 14.27
N ASP A 479 34.20 16.79 14.31
CA ASP A 479 34.87 16.01 13.26
C ASP A 479 34.30 14.59 13.09
N LEU A 480 33.93 13.94 14.20
CA LEU A 480 33.26 12.63 14.16
C LEU A 480 31.87 12.71 13.54
N LEU A 481 31.12 13.77 13.86
CA LEU A 481 29.78 13.97 13.33
C LEU A 481 29.77 14.27 11.84
N GLU A 482 30.72 15.09 11.38
CA GLU A 482 30.89 15.38 9.95
C GLU A 482 31.39 14.16 9.17
N ASP A 483 32.21 13.33 9.82
CA ASP A 483 32.74 12.11 9.19
C ASP A 483 31.64 11.07 8.96
N MET A 484 30.78 10.87 9.97
CA MET A 484 29.61 10.00 9.85
C MET A 484 28.63 10.46 8.77
N THR A 485 28.43 11.78 8.66
CA THR A 485 27.51 12.36 7.69
C THR A 485 27.95 12.07 6.25
N LYS A 486 29.16 12.49 5.91
CA LYS A 486 29.66 12.40 4.54
C LYS A 486 30.10 10.99 4.16
N ASN A 487 30.85 10.32 5.04
CA ASN A 487 31.27 8.92 4.84
C ASN A 487 30.37 7.97 5.64
N ASP A 488 29.20 7.67 5.06
CA ASP A 488 28.22 6.81 5.71
C ASP A 488 28.69 5.35 5.73
N ARG A 489 28.89 4.83 6.93
CA ARG A 489 29.32 3.44 7.17
C ARG A 489 28.48 2.85 8.30
N LYS A 490 28.50 1.52 8.43
CA LYS A 490 27.88 0.86 9.58
C LYS A 490 28.74 1.06 10.83
N VAL A 491 28.09 1.12 12.00
CA VAL A 491 28.79 1.29 13.27
C VAL A 491 29.46 -0.04 13.65
N ALA A 492 30.70 -0.18 13.20
CA ALA A 492 31.54 -1.36 13.46
C ALA A 492 33.01 -1.03 13.20
N GLY A 493 33.90 -1.73 13.89
CA GLY A 493 35.34 -1.53 13.72
C GLY A 493 35.82 -0.17 14.21
N GLU A 494 36.39 0.63 13.31
CA GLU A 494 36.98 1.93 13.67
C GLU A 494 35.93 2.96 14.09
N LEU A 495 34.84 3.05 13.34
CA LEU A 495 33.75 3.98 13.68
C LEU A 495 33.14 3.69 15.05
N GLU A 496 33.01 2.39 15.38
CA GLU A 496 32.49 1.99 16.69
C GLU A 496 33.43 2.39 17.83
N ASP A 497 34.75 2.31 17.60
CA ASP A 497 35.76 2.78 18.56
C ASP A 497 35.67 4.28 18.81
N ALA A 498 35.47 5.05 17.74
CA ALA A 498 35.28 6.50 17.85
C ALA A 498 34.03 6.86 18.66
N ILE A 499 32.94 6.12 18.46
CA ILE A 499 31.69 6.31 19.20
C ILE A 499 31.84 5.88 20.67
N LYS A 500 32.46 4.73 20.89
CA LYS A 500 32.76 4.25 22.26
C LYS A 500 33.64 5.24 23.02
N ALA A 501 34.69 5.73 22.36
CA ALA A 501 35.60 6.74 22.93
C ALA A 501 34.88 8.05 23.26
N ALA A 502 34.04 8.51 22.33
CA ALA A 502 33.22 9.71 22.51
C ALA A 502 32.32 9.61 23.73
N LEU A 503 31.68 8.45 23.91
CA LEU A 503 30.81 8.20 25.06
C LEU A 503 31.60 8.03 26.37
N ASP A 504 32.75 7.36 26.30
CA ASP A 504 33.66 7.26 27.44
C ASP A 504 34.16 8.64 27.88
N GLY A 505 34.56 9.44 26.89
CA GLY A 505 34.99 10.82 27.12
C GLY A 505 33.92 11.66 27.80
N TYR A 506 32.68 11.55 27.33
CA TYR A 506 31.56 12.27 27.95
C TYR A 506 31.24 11.75 29.36
N ALA A 507 31.34 10.43 29.58
CA ALA A 507 31.09 9.84 30.90
C ALA A 507 32.01 10.38 32.01
N LYS A 508 33.23 10.74 31.64
CA LYS A 508 34.20 11.32 32.59
C LYS A 508 33.88 12.77 32.97
N THR A 509 33.30 13.56 32.05
CA THR A 509 32.87 14.92 32.36
C THR A 509 31.64 14.94 33.28
N TYR A 510 30.69 14.04 33.02
CA TYR A 510 29.46 13.93 33.81
C TYR A 510 29.71 13.48 35.25
N ALA A 511 30.72 12.63 35.46
CA ALA A 511 31.07 12.14 36.80
C ALA A 511 31.70 13.21 37.68
N ALA B 4 -28.78 5.24 -34.49
CA ALA B 4 -27.92 4.16 -33.93
C ALA B 4 -27.23 4.59 -32.63
N ASN B 5 -26.44 5.66 -32.72
CA ASN B 5 -25.66 6.16 -31.59
C ASN B 5 -26.53 6.89 -30.56
N GLY B 6 -25.95 7.11 -29.39
CA GLY B 6 -26.54 7.90 -28.32
C GLY B 6 -25.68 9.11 -28.00
N LYS B 7 -26.13 9.92 -27.05
CA LYS B 7 -25.38 11.10 -26.60
C LYS B 7 -25.41 11.25 -25.09
N ILE B 8 -24.38 11.88 -24.55
CA ILE B 8 -24.25 12.10 -23.10
C ILE B 8 -25.24 13.17 -22.63
N THR B 9 -26.12 12.81 -21.71
CA THR B 9 -27.06 13.75 -21.08
C THR B 9 -26.60 14.24 -19.70
N GLN B 10 -25.97 13.38 -18.91
CA GLN B 10 -25.45 13.75 -17.58
C GLN B 10 -24.09 13.16 -17.25
N VAL B 11 -23.36 13.84 -16.37
CA VAL B 11 -22.06 13.38 -15.86
C VAL B 11 -21.99 13.76 -14.37
N ILE B 12 -21.94 12.75 -13.50
CA ILE B 12 -21.90 12.93 -12.04
C ILE B 12 -20.76 12.07 -11.48
N GLY B 13 -19.53 12.59 -11.57
CA GLY B 13 -18.34 11.84 -11.22
C GLY B 13 -18.14 10.68 -12.18
N ALA B 14 -18.02 9.47 -11.64
CA ALA B 14 -17.93 8.25 -12.45
C ALA B 14 -19.25 7.86 -13.14
N VAL B 15 -20.38 8.40 -12.66
CA VAL B 15 -21.70 8.08 -13.22
C VAL B 15 -22.00 8.95 -14.44
N VAL B 16 -22.23 8.32 -15.59
CA VAL B 16 -22.49 9.03 -16.84
C VAL B 16 -23.78 8.49 -17.50
N ASP B 17 -24.71 9.39 -17.81
CA ASP B 17 -25.98 9.04 -18.45
C ASP B 17 -25.92 9.29 -19.95
N VAL B 18 -26.42 8.32 -20.73
CA VAL B 18 -26.37 8.36 -22.19
C VAL B 18 -27.75 8.06 -22.78
N GLN B 19 -28.34 9.05 -23.45
CA GLN B 19 -29.63 8.87 -24.13
C GLN B 19 -29.41 8.35 -25.54
N PHE B 20 -30.23 7.38 -25.95
CA PHE B 20 -30.12 6.73 -27.26
C PHE B 20 -31.34 6.99 -28.13
N ASP B 21 -31.17 6.75 -29.43
CA ASP B 21 -32.27 6.82 -30.40
C ASP B 21 -32.72 5.42 -30.78
N GLY B 22 -31.80 4.64 -31.36
CA GLY B 22 -32.14 3.31 -31.90
C GLY B 22 -32.26 2.23 -30.85
N GLN B 23 -31.45 1.19 -30.98
CA GLN B 23 -31.46 0.05 -30.05
C GLN B 23 -30.85 0.47 -28.70
N LEU B 24 -31.52 0.13 -27.62
CA LEU B 24 -31.04 0.45 -26.26
C LEU B 24 -29.97 -0.59 -25.85
N PRO B 25 -28.78 -0.13 -25.43
CA PRO B 25 -27.73 -1.11 -25.05
C PRO B 25 -28.08 -1.94 -23.83
N ALA B 26 -27.81 -3.25 -23.90
CA ALA B 26 -28.10 -4.17 -22.81
C ALA B 26 -27.15 -3.94 -21.63
N ILE B 27 -27.56 -4.41 -20.45
CA ILE B 27 -26.74 -4.25 -19.24
C ILE B 27 -25.41 -5.00 -19.39
N LEU B 28 -24.34 -4.38 -18.89
CA LEU B 28 -22.94 -4.83 -19.04
C LEU B 28 -22.28 -4.55 -20.42
N ASN B 29 -23.00 -3.92 -21.35
CA ASN B 29 -22.39 -3.54 -22.63
C ASN B 29 -21.37 -2.42 -22.45
N ALA B 30 -20.29 -2.50 -23.23
CA ALA B 30 -19.29 -1.44 -23.30
C ALA B 30 -19.75 -0.39 -24.31
N LEU B 31 -19.74 0.88 -23.87
CA LEU B 31 -19.94 2.02 -24.75
C LEU B 31 -18.59 2.73 -24.90
N GLU B 32 -18.42 3.47 -26.00
CA GLU B 32 -17.21 4.26 -26.25
C GLU B 32 -17.55 5.72 -26.51
N THR B 33 -16.66 6.62 -26.09
CA THR B 33 -16.80 8.06 -26.35
C THR B 33 -15.43 8.73 -26.30
N GLU B 34 -15.29 9.89 -26.95
CA GLU B 34 -14.01 10.60 -27.02
C GLU B 34 -13.95 11.74 -26.00
N ASN B 35 -13.11 11.56 -24.98
CA ASN B 35 -12.86 12.60 -23.98
C ASN B 35 -11.55 13.31 -24.30
N ASN B 36 -11.66 14.44 -25.00
CA ASN B 36 -10.51 15.25 -25.44
C ASN B 36 -9.48 14.42 -26.21
N GLY B 37 -9.95 13.75 -27.26
CA GLY B 37 -9.08 12.93 -28.11
C GLY B 37 -9.03 11.46 -27.69
N LYS B 38 -8.58 11.22 -26.46
CA LYS B 38 -8.47 9.87 -25.90
C LYS B 38 -9.84 9.21 -25.72
N ARG B 39 -9.92 7.93 -26.05
CA ARG B 39 -11.18 7.17 -25.93
C ARG B 39 -11.48 6.79 -24.48
N LEU B 40 -12.76 6.80 -24.14
CA LEU B 40 -13.25 6.50 -22.80
C LEU B 40 -14.30 5.41 -22.90
N VAL B 41 -14.08 4.30 -22.19
CA VAL B 41 -15.02 3.19 -22.15
C VAL B 41 -15.99 3.39 -20.98
N LEU B 42 -17.27 3.13 -21.24
CA LEU B 42 -18.33 3.23 -20.24
C LEU B 42 -19.10 1.91 -20.21
N GLU B 43 -19.48 1.45 -19.02
CA GLU B 43 -20.14 0.17 -18.86
C GLU B 43 -21.57 0.36 -18.37
N VAL B 44 -22.53 -0.24 -19.07
CA VAL B 44 -23.96 0.01 -18.83
C VAL B 44 -24.44 -0.71 -17.57
N ALA B 45 -25.03 0.05 -16.65
CA ALA B 45 -25.47 -0.46 -15.35
C ALA B 45 -26.99 -0.59 -15.21
N GLN B 46 -27.72 0.46 -15.59
CA GLN B 46 -29.19 0.50 -15.47
C GLN B 46 -29.86 1.11 -16.70
N HIS B 47 -31.14 0.77 -16.88
CA HIS B 47 -32.02 1.45 -17.83
C HIS B 47 -32.95 2.35 -17.04
N LEU B 48 -32.93 3.65 -17.34
CA LEU B 48 -33.64 4.66 -16.53
C LEU B 48 -35.01 5.07 -17.07
N GLY B 49 -35.36 4.66 -18.29
CA GLY B 49 -36.56 5.17 -18.93
C GLY B 49 -36.26 6.47 -19.65
N GLU B 50 -37.21 6.90 -20.49
CA GLU B 50 -37.00 7.99 -21.46
C GLU B 50 -35.78 7.70 -22.37
N ASN B 51 -35.66 6.44 -22.75
CA ASN B 51 -34.61 5.92 -23.63
C ASN B 51 -33.18 6.33 -23.23
N THR B 52 -32.89 6.22 -21.92
CA THR B 52 -31.62 6.64 -21.35
C THR B 52 -31.02 5.53 -20.46
N VAL B 53 -29.75 5.20 -20.73
CA VAL B 53 -29.00 4.24 -19.90
C VAL B 53 -28.08 4.98 -18.90
N ARG B 54 -27.74 4.28 -17.82
CA ARG B 54 -26.98 4.80 -16.69
C ARG B 54 -25.70 3.96 -16.60
N THR B 55 -24.54 4.59 -16.83
CA THR B 55 -23.25 3.88 -16.94
C THR B 55 -22.23 4.27 -15.86
N ILE B 56 -21.26 3.37 -15.65
CA ILE B 56 -20.07 3.65 -14.84
C ILE B 56 -18.89 3.79 -15.78
N ALA B 57 -18.10 4.85 -15.59
CA ALA B 57 -16.89 5.08 -16.38
C ALA B 57 -15.77 4.16 -15.94
N MET B 58 -14.88 3.84 -16.89
CA MET B 58 -13.69 3.03 -16.62
C MET B 58 -12.41 3.86 -16.52
N ASP B 59 -12.53 5.18 -16.73
CA ASP B 59 -11.41 6.13 -16.57
C ASP B 59 -12.00 7.43 -16.02
N ALA B 60 -11.20 8.49 -15.93
CA ALA B 60 -11.67 9.80 -15.49
C ALA B 60 -12.70 10.41 -16.44
N THR B 61 -13.72 11.08 -15.88
CA THR B 61 -14.78 11.73 -16.65
C THR B 61 -14.62 13.26 -16.76
N GLU B 62 -13.57 13.82 -16.17
CA GLU B 62 -13.31 15.26 -16.25
C GLU B 62 -12.99 15.60 -17.71
N GLY B 63 -13.65 16.64 -18.23
CA GLY B 63 -13.52 17.04 -19.63
C GLY B 63 -14.63 16.57 -20.56
N LEU B 64 -15.52 15.71 -20.06
CA LEU B 64 -16.69 15.29 -20.84
C LEU B 64 -17.72 16.42 -20.90
N VAL B 65 -18.33 16.58 -22.07
CA VAL B 65 -19.38 17.59 -22.31
C VAL B 65 -20.67 16.85 -22.64
N ARG B 66 -21.81 17.45 -22.30
CA ARG B 66 -23.11 16.92 -22.69
C ARG B 66 -23.29 17.10 -24.20
N GLY B 67 -23.88 16.10 -24.85
CA GLY B 67 -24.08 16.11 -26.30
C GLY B 67 -23.07 15.30 -27.09
N LEU B 68 -21.95 14.91 -26.49
CA LEU B 68 -20.92 14.10 -27.17
C LEU B 68 -21.51 12.78 -27.65
N PRO B 69 -21.17 12.35 -28.87
CA PRO B 69 -21.69 11.07 -29.37
C PRO B 69 -21.10 9.87 -28.62
N VAL B 70 -21.91 8.83 -28.46
CA VAL B 70 -21.53 7.61 -27.74
C VAL B 70 -21.89 6.40 -28.61
N LYS B 71 -20.92 5.54 -28.87
CA LYS B 71 -21.11 4.32 -29.66
C LYS B 71 -21.38 3.12 -28.74
N ASP B 72 -22.42 2.35 -29.07
CA ASP B 72 -22.66 1.04 -28.46
C ASP B 72 -21.82 0.02 -29.21
N THR B 73 -20.93 -0.68 -28.50
CA THR B 73 -20.05 -1.68 -29.11
C THR B 73 -20.77 -2.98 -29.50
N GLY B 74 -21.92 -3.25 -28.86
CA GLY B 74 -22.71 -4.44 -29.16
C GLY B 74 -22.62 -5.52 -28.09
N GLY B 75 -21.41 -5.72 -27.57
CA GLY B 75 -21.16 -6.67 -26.47
C GLY B 75 -20.54 -6.00 -25.26
N PRO B 76 -20.07 -6.80 -24.29
CA PRO B 76 -19.37 -6.24 -23.12
C PRO B 76 -17.96 -5.74 -23.44
N ILE B 77 -17.22 -5.33 -22.40
CA ILE B 77 -15.82 -4.93 -22.53
C ILE B 77 -15.00 -6.10 -23.07
N MET B 78 -14.33 -5.89 -24.21
CA MET B 78 -13.47 -6.89 -24.84
C MET B 78 -12.01 -6.57 -24.55
N VAL B 79 -11.21 -7.61 -24.31
CA VAL B 79 -9.78 -7.44 -23.99
C VAL B 79 -8.92 -8.41 -24.78
N PRO B 80 -7.63 -8.06 -25.02
CA PRO B 80 -6.73 -9.00 -25.70
C PRO B 80 -6.47 -10.26 -24.87
N VAL B 81 -6.35 -11.40 -25.55
CA VAL B 81 -6.08 -12.68 -24.89
C VAL B 81 -5.05 -13.49 -25.69
N GLY B 82 -4.62 -14.61 -25.13
CA GLY B 82 -3.62 -15.49 -25.76
C GLY B 82 -2.20 -15.13 -25.35
N ASP B 83 -1.24 -15.66 -26.11
CA ASP B 83 0.19 -15.54 -25.79
C ASP B 83 0.75 -14.10 -25.78
N ALA B 84 0.07 -13.17 -26.47
CA ALA B 84 0.48 -11.77 -26.48
C ALA B 84 0.40 -11.06 -25.11
N THR B 85 -0.43 -11.58 -24.21
CA THR B 85 -0.54 -11.05 -22.84
C THR B 85 0.63 -11.47 -21.94
N LEU B 86 1.32 -12.56 -22.28
CA LEU B 86 2.41 -13.09 -21.44
C LEU B 86 3.54 -12.09 -21.29
N GLY B 87 3.91 -11.79 -20.05
CA GLY B 87 4.97 -10.83 -19.73
C GLY B 87 4.58 -9.36 -19.82
N ARG B 88 3.30 -9.07 -20.13
CA ARG B 88 2.80 -7.71 -20.27
C ARG B 88 1.99 -7.33 -19.03
N ILE B 89 1.77 -6.03 -18.86
CA ILE B 89 0.85 -5.51 -17.85
C ILE B 89 -0.28 -4.81 -18.61
N LEU B 90 -1.51 -5.25 -18.39
CA LEU B 90 -2.69 -4.63 -19.00
C LEU B 90 -3.53 -3.94 -17.94
N ASN B 91 -4.25 -2.90 -18.36
CA ASN B 91 -5.28 -2.28 -17.51
C ASN B 91 -6.62 -3.00 -17.71
N VAL B 92 -7.66 -2.52 -17.02
CA VAL B 92 -9.00 -3.14 -17.06
C VAL B 92 -9.61 -3.30 -18.47
N VAL B 93 -9.33 -2.36 -19.37
CA VAL B 93 -9.86 -2.43 -20.75
C VAL B 93 -8.84 -2.99 -21.76
N GLY B 94 -7.81 -3.68 -21.27
CA GLY B 94 -6.87 -4.40 -22.12
C GLY B 94 -5.77 -3.58 -22.77
N GLU B 95 -5.60 -2.33 -22.35
CA GLU B 95 -4.54 -1.47 -22.87
C GLU B 95 -3.25 -1.75 -22.10
N PRO B 96 -2.09 -1.68 -22.79
CA PRO B 96 -0.81 -1.89 -22.09
C PRO B 96 -0.41 -0.71 -21.20
N VAL B 97 -0.07 -0.99 -19.94
CA VAL B 97 0.40 0.03 -18.98
C VAL B 97 1.85 -0.20 -18.53
N ASP B 98 2.60 -0.96 -19.32
CA ASP B 98 4.00 -1.30 -19.05
C ASP B 98 4.97 -0.59 -19.99
N GLU B 99 4.47 0.34 -20.81
CA GLU B 99 5.25 1.08 -21.81
C GLU B 99 6.00 0.17 -22.80
N GLY B 100 5.43 -0.99 -23.10
CA GLY B 100 6.06 -1.99 -23.98
C GLY B 100 5.44 -2.12 -25.35
N GLY B 101 4.83 -1.05 -25.86
CA GLY B 101 4.24 -1.05 -27.21
C GLY B 101 2.91 -1.77 -27.27
N PRO B 102 2.39 -1.99 -28.50
CA PRO B 102 1.06 -2.58 -28.67
C PRO B 102 1.02 -4.08 -28.35
N VAL B 103 -0.14 -4.52 -27.85
CA VAL B 103 -0.40 -5.93 -27.57
C VAL B 103 -0.98 -6.55 -28.84
N GLU B 104 -0.11 -7.12 -29.68
CA GLU B 104 -0.50 -7.65 -30.98
C GLU B 104 -1.08 -9.06 -30.84
N ALA B 105 -2.34 -9.11 -30.39
CA ALA B 105 -3.07 -10.36 -30.22
C ALA B 105 -4.02 -10.57 -31.39
N THR B 106 -4.28 -11.84 -31.69
CA THR B 106 -5.18 -12.24 -32.78
C THR B 106 -6.65 -12.33 -32.32
N GLN B 107 -6.85 -12.76 -31.07
CA GLN B 107 -8.20 -12.94 -30.50
C GLN B 107 -8.49 -11.95 -29.37
N THR B 108 -9.77 -11.65 -29.19
CA THR B 108 -10.26 -10.86 -28.06
C THR B 108 -11.46 -11.57 -27.43
N ARG B 109 -11.66 -11.36 -26.13
CA ARG B 109 -12.70 -12.03 -25.37
C ARG B 109 -13.38 -11.09 -24.37
N ALA B 110 -14.67 -11.30 -24.14
CA ALA B 110 -15.47 -10.47 -23.25
C ALA B 110 -15.14 -10.76 -21.79
N ILE B 111 -15.05 -9.71 -20.97
CA ILE B 111 -14.73 -9.86 -19.55
C ILE B 111 -15.86 -10.48 -18.72
N HIS B 112 -17.11 -10.19 -19.12
CA HIS B 112 -18.28 -10.83 -18.52
C HIS B 112 -18.63 -12.07 -19.34
N GLN B 113 -18.77 -13.20 -18.64
CA GLN B 113 -18.96 -14.50 -19.28
C GLN B 113 -19.81 -15.38 -18.38
N GLN B 114 -20.72 -16.14 -18.96
CA GLN B 114 -21.55 -17.08 -18.20
C GLN B 114 -20.71 -18.25 -17.68
N ALA B 115 -21.12 -18.81 -16.54
CA ALA B 115 -20.36 -19.87 -15.86
C ALA B 115 -20.40 -21.18 -16.65
N PRO B 116 -19.38 -22.05 -16.47
CA PRO B 116 -19.45 -23.41 -17.02
C PRO B 116 -20.60 -24.23 -16.40
N ASP B 117 -21.43 -24.82 -17.27
CA ASP B 117 -22.60 -25.61 -16.83
C ASP B 117 -22.20 -26.98 -16.26
N PHE B 118 -23.18 -27.71 -15.72
CA PHE B 118 -22.93 -29.02 -15.08
C PHE B 118 -22.35 -30.07 -16.02
N ALA B 119 -22.70 -30.01 -17.30
CA ALA B 119 -22.04 -30.80 -18.34
C ALA B 119 -20.63 -30.25 -18.56
N ALA B 120 -19.65 -31.16 -18.66
CA ALA B 120 -18.22 -30.82 -18.79
C ALA B 120 -17.52 -30.32 -17.52
N GLN B 121 -18.23 -30.24 -16.39
CA GLN B 121 -17.58 -30.04 -15.08
C GLN B 121 -16.97 -31.37 -14.64
N ALA B 122 -15.71 -31.33 -14.20
CA ALA B 122 -14.98 -32.55 -13.83
C ALA B 122 -15.58 -33.14 -12.57
N THR B 123 -15.99 -34.41 -12.65
CA THR B 123 -16.60 -35.10 -11.52
C THR B 123 -15.56 -35.37 -10.41
N ALA B 124 -15.98 -35.14 -9.17
CA ALA B 124 -15.15 -35.34 -7.95
C ALA B 124 -14.00 -34.33 -7.81
N SER B 125 -13.63 -34.05 -6.57
CA SER B 125 -12.49 -33.17 -6.27
C SER B 125 -11.18 -33.87 -6.63
N GLU B 126 -10.18 -33.06 -6.99
CA GLU B 126 -8.92 -33.55 -7.54
C GLU B 126 -7.77 -32.65 -7.10
N ILE B 127 -6.65 -33.27 -6.73
CA ILE B 127 -5.46 -32.54 -6.29
C ILE B 127 -4.78 -31.79 -7.45
N LEU B 128 -4.25 -30.60 -7.17
CA LEU B 128 -3.36 -29.88 -8.07
C LEU B 128 -1.96 -29.97 -7.47
N VAL B 129 -1.09 -30.75 -8.11
CA VAL B 129 0.28 -30.96 -7.62
C VAL B 129 1.08 -29.68 -7.91
N THR B 130 1.49 -29.00 -6.83
CA THR B 130 2.37 -27.84 -6.94
C THR B 130 3.85 -28.24 -7.08
N GLY B 131 4.19 -29.42 -6.58
CA GLY B 131 5.58 -29.85 -6.50
C GLY B 131 6.29 -29.35 -5.25
N ILE B 132 5.55 -28.67 -4.37
CA ILE B 132 6.10 -28.13 -3.13
C ILE B 132 5.66 -29.07 -2.02
N LYS B 133 6.63 -29.68 -1.34
CA LYS B 133 6.38 -30.81 -0.44
C LYS B 133 5.36 -30.51 0.65
N VAL B 134 5.60 -29.42 1.39
CA VAL B 134 4.73 -29.03 2.50
C VAL B 134 3.27 -28.80 2.08
N ILE B 135 3.07 -28.16 0.93
CA ILE B 135 1.72 -27.89 0.42
C ILE B 135 1.05 -29.19 -0.02
N ASP B 136 1.70 -29.93 -0.92
CA ASP B 136 1.13 -31.17 -1.47
C ASP B 136 0.79 -32.22 -0.39
N LEU B 137 1.60 -32.29 0.67
CA LEU B 137 1.40 -33.28 1.73
C LEU B 137 0.33 -32.86 2.74
N LEU B 138 0.51 -31.68 3.35
CA LEU B 138 -0.26 -31.27 4.53
C LEU B 138 -1.46 -30.37 4.26
N ALA B 139 -1.40 -29.56 3.20
CA ALA B 139 -2.53 -28.68 2.83
C ALA B 139 -2.66 -28.58 1.30
N PRO B 140 -2.95 -29.73 0.63
CA PRO B 140 -2.94 -29.78 -0.83
C PRO B 140 -3.97 -28.88 -1.51
N TYR B 141 -3.56 -28.20 -2.57
CA TYR B 141 -4.47 -27.41 -3.40
C TYR B 141 -5.36 -28.32 -4.25
N SER B 142 -6.57 -27.85 -4.53
CA SER B 142 -7.52 -28.57 -5.38
C SER B 142 -7.73 -27.81 -6.69
N LYS B 143 -7.95 -28.55 -7.78
CA LYS B 143 -8.27 -27.97 -9.08
C LYS B 143 -9.64 -27.30 -9.02
N GLY B 144 -9.73 -26.07 -9.53
CA GLY B 144 -10.95 -25.27 -9.42
C GLY B 144 -11.24 -24.74 -8.02
N GLY B 145 -10.26 -24.83 -7.13
CA GLY B 145 -10.44 -24.47 -5.73
C GLY B 145 -10.10 -23.02 -5.44
N LYS B 146 -10.58 -22.55 -4.28
CA LYS B 146 -10.32 -21.19 -3.80
C LYS B 146 -9.21 -21.28 -2.73
N ILE B 147 -7.99 -20.90 -3.12
CA ILE B 147 -6.83 -20.97 -2.22
C ILE B 147 -6.55 -19.60 -1.62
N GLY B 148 -6.18 -19.58 -0.35
CA GLY B 148 -5.84 -18.36 0.38
C GLY B 148 -4.42 -18.37 0.91
N LEU B 149 -3.59 -17.45 0.42
CA LEU B 149 -2.24 -17.24 0.95
C LEU B 149 -2.30 -16.21 2.07
N PHE B 150 -1.88 -16.61 3.27
CA PHE B 150 -1.84 -15.75 4.44
C PHE B 150 -0.38 -15.46 4.80
N GLY B 151 -0.06 -14.18 5.04
CA GLY B 151 1.28 -13.81 5.48
C GLY B 151 1.54 -12.32 5.46
N GLY B 152 2.41 -11.86 6.37
CA GLY B 152 2.86 -10.47 6.38
C GLY B 152 4.03 -10.27 5.45
N ALA B 153 4.85 -9.26 5.75
CA ALA B 153 6.08 -8.99 5.01
C ALA B 153 7.23 -9.81 5.59
N GLY B 154 8.24 -10.08 4.77
CA GLY B 154 9.45 -10.79 5.19
C GLY B 154 9.28 -12.26 5.51
N VAL B 155 8.27 -12.91 4.93
CA VAL B 155 8.04 -14.36 5.08
C VAL B 155 8.00 -15.12 3.74
N GLY B 156 8.50 -14.48 2.68
CA GLY B 156 8.60 -15.11 1.35
C GLY B 156 7.29 -15.35 0.62
N LYS B 157 6.36 -14.41 0.73
CA LYS B 157 5.04 -14.53 0.10
C LYS B 157 5.10 -14.33 -1.42
N THR B 158 5.84 -13.31 -1.84
CA THR B 158 6.06 -13.03 -3.27
C THR B 158 6.90 -14.13 -3.92
N VAL B 159 7.88 -14.65 -3.18
CA VAL B 159 8.73 -15.76 -3.65
C VAL B 159 7.89 -17.04 -3.85
N LEU B 160 6.92 -17.27 -2.95
CA LEU B 160 6.00 -18.41 -3.07
C LEU B 160 5.11 -18.28 -4.30
N ILE B 161 4.49 -17.11 -4.47
CA ILE B 161 3.62 -16.82 -5.62
C ILE B 161 4.35 -17.09 -6.95
N MET B 162 5.58 -16.62 -7.05
CA MET B 162 6.38 -16.77 -8.26
C MET B 162 6.80 -18.22 -8.52
N GLU B 163 7.07 -18.98 -7.46
CA GLU B 163 7.36 -20.41 -7.61
C GLU B 163 6.12 -21.20 -8.04
N LEU B 164 4.95 -20.82 -7.52
CA LEU B 164 3.69 -21.40 -7.99
C LEU B 164 3.47 -21.13 -9.48
N ILE B 165 3.72 -19.90 -9.89
CA ILE B 165 3.74 -19.53 -11.32
C ILE B 165 4.73 -20.41 -12.08
N ASN B 166 5.95 -20.51 -11.56
CA ASN B 166 7.01 -21.34 -12.15
C ASN B 166 6.64 -22.82 -12.26
N ASN B 167 6.17 -23.39 -11.15
CA ASN B 167 5.90 -24.83 -11.08
C ASN B 167 4.75 -25.30 -11.96
N ILE B 168 3.68 -24.50 -12.04
CA ILE B 168 2.54 -24.80 -12.91
C ILE B 168 2.95 -24.76 -14.39
N ALA B 169 3.85 -23.85 -14.75
CA ALA B 169 4.45 -23.83 -16.07
C ALA B 169 5.33 -25.08 -16.31
N LYS B 170 6.19 -25.39 -15.35
CA LYS B 170 7.14 -26.52 -15.50
C LYS B 170 6.48 -27.90 -15.45
N VAL B 171 5.75 -28.20 -14.37
CA VAL B 171 5.25 -29.56 -14.12
C VAL B 171 3.92 -29.86 -14.85
N HIS B 172 3.11 -28.84 -15.10
CA HIS B 172 1.80 -29.01 -15.74
C HIS B 172 1.65 -28.37 -17.14
N SER B 173 2.69 -27.69 -17.63
CA SER B 173 2.63 -26.93 -18.90
C SER B 173 1.49 -25.89 -18.91
N GLY B 174 1.19 -25.34 -17.74
CA GLY B 174 0.07 -24.42 -17.55
C GLY B 174 0.49 -22.97 -17.68
N TYR B 175 -0.45 -22.09 -17.37
CA TYR B 175 -0.25 -20.64 -17.43
C TYR B 175 -0.70 -20.02 -16.11
N SER B 176 -0.32 -18.76 -15.90
CA SER B 176 -0.73 -18.02 -14.71
C SER B 176 -1.15 -16.59 -15.08
N VAL B 177 -2.08 -16.05 -14.31
CA VAL B 177 -2.46 -14.64 -14.42
C VAL B 177 -2.47 -14.03 -13.03
N PHE B 178 -1.82 -12.87 -12.88
CA PHE B 178 -1.83 -12.11 -11.63
C PHE B 178 -2.67 -10.85 -11.83
N ALA B 179 -3.74 -10.75 -11.04
CA ALA B 179 -4.60 -9.56 -11.01
C ALA B 179 -4.24 -8.71 -9.80
N GLY B 180 -3.62 -7.56 -10.06
CA GLY B 180 -3.35 -6.56 -9.02
C GLY B 180 -4.52 -5.58 -8.95
N VAL B 181 -5.27 -5.63 -7.84
CA VAL B 181 -6.53 -4.89 -7.69
C VAL B 181 -6.45 -3.90 -6.53
N GLY B 182 -6.47 -2.60 -6.85
CA GLY B 182 -6.56 -1.53 -5.86
C GLY B 182 -5.47 -1.48 -4.79
N GLU B 183 -4.28 -1.93 -5.14
CA GLU B 183 -3.14 -1.94 -4.21
C GLU B 183 -2.17 -0.81 -4.58
N ARG B 184 -1.05 -0.72 -3.86
CA ARG B 184 -0.12 0.39 -4.01
C ARG B 184 0.73 0.22 -5.26
N THR B 185 0.79 1.24 -6.11
CA THR B 185 1.56 1.18 -7.37
C THR B 185 3.06 1.02 -7.12
N ARG B 186 3.56 1.65 -6.06
CA ARG B 186 4.93 1.42 -5.56
C ARG B 186 5.25 -0.08 -5.47
N GLU B 187 4.33 -0.83 -4.86
CA GLU B 187 4.50 -2.26 -4.64
C GLU B 187 4.21 -3.07 -5.91
N GLY B 188 3.34 -2.54 -6.77
CA GLY B 188 3.15 -3.08 -8.11
C GLY B 188 4.40 -3.02 -8.98
N ASN B 189 5.15 -1.93 -8.87
CA ASN B 189 6.45 -1.79 -9.53
C ASN B 189 7.45 -2.83 -9.02
N ASP B 190 7.55 -2.94 -7.70
CA ASP B 190 8.45 -3.92 -7.05
C ASP B 190 8.15 -5.36 -7.49
N LEU B 191 6.86 -5.72 -7.54
CA LEU B 191 6.46 -7.07 -7.93
C LEU B 191 6.89 -7.40 -9.37
N TYR B 192 6.73 -6.45 -10.27
CA TYR B 192 7.12 -6.61 -11.67
C TYR B 192 8.62 -6.88 -11.78
N HIS B 193 9.43 -6.05 -11.14
CA HIS B 193 10.90 -6.19 -11.19
C HIS B 193 11.42 -7.42 -10.44
N GLU B 194 10.71 -7.85 -9.39
CA GLU B 194 11.02 -9.13 -8.73
C GLU B 194 10.72 -10.31 -9.66
N MET B 195 9.62 -10.23 -10.40
CA MET B 195 9.29 -11.23 -11.41
C MET B 195 10.29 -11.29 -12.58
N VAL B 196 10.81 -10.13 -12.98
CA VAL B 196 11.89 -10.07 -13.98
C VAL B 196 13.17 -10.72 -13.45
N GLU B 197 13.55 -10.39 -12.22
CA GLU B 197 14.76 -10.95 -11.58
C GLU B 197 14.81 -12.48 -11.61
N SER B 198 13.69 -13.13 -11.30
CA SER B 198 13.63 -14.59 -11.19
C SER B 198 13.16 -15.32 -12.47
N GLY B 199 12.88 -14.58 -13.54
CA GLY B 199 12.62 -15.17 -14.85
C GLY B 199 11.22 -15.65 -15.16
N VAL B 200 10.25 -15.36 -14.30
CA VAL B 200 8.84 -15.66 -14.62
C VAL B 200 8.29 -14.68 -15.68
N ILE B 201 8.85 -13.47 -15.72
CA ILE B 201 8.67 -12.53 -16.84
C ILE B 201 10.04 -12.34 -17.51
N LYS B 202 10.07 -12.50 -18.83
CA LYS B 202 11.29 -12.40 -19.63
C LYS B 202 11.14 -11.26 -20.65
N PRO B 203 11.62 -10.04 -20.31
CA PRO B 203 11.52 -8.88 -21.21
C PRO B 203 12.00 -9.11 -22.65
N ASP B 204 13.09 -9.86 -22.80
CA ASP B 204 13.70 -10.10 -24.12
C ASP B 204 13.03 -11.22 -24.92
N ASP B 205 12.24 -12.08 -24.27
CA ASP B 205 11.46 -13.13 -24.93
C ASP B 205 10.14 -13.32 -24.20
N LEU B 206 9.22 -12.37 -24.43
CA LEU B 206 7.98 -12.23 -23.65
C LEU B 206 6.99 -13.39 -23.75
N SER B 207 6.90 -14.03 -24.92
CA SER B 207 6.01 -15.19 -25.11
C SER B 207 6.40 -16.42 -24.26
N LYS B 208 7.67 -16.50 -23.87
CA LYS B 208 8.15 -17.56 -22.97
C LYS B 208 8.01 -17.23 -21.47
N SER B 209 7.47 -16.05 -21.15
CA SER B 209 7.10 -15.71 -19.77
C SER B 209 5.99 -16.62 -19.26
N GLN B 210 6.00 -16.87 -17.95
CA GLN B 210 5.09 -17.83 -17.31
C GLN B 210 3.82 -17.18 -16.74
N VAL B 211 3.68 -15.85 -16.87
CA VAL B 211 2.57 -15.11 -16.26
C VAL B 211 2.18 -13.86 -17.06
N ALA B 212 0.88 -13.56 -17.07
CA ALA B 212 0.34 -12.32 -17.61
C ALA B 212 -0.18 -11.46 -16.46
N LEU B 213 0.20 -10.18 -16.45
CA LEU B 213 -0.20 -9.25 -15.37
C LEU B 213 -1.36 -8.35 -15.82
N VAL B 214 -2.32 -8.14 -14.91
CA VAL B 214 -3.42 -7.20 -15.13
C VAL B 214 -3.51 -6.29 -13.89
N TYR B 215 -3.26 -5.00 -14.07
CA TYR B 215 -3.13 -4.04 -12.96
C TYR B 215 -4.22 -2.96 -13.02
N GLY B 216 -4.96 -2.82 -11.92
CA GLY B 216 -5.87 -1.71 -11.71
C GLY B 216 -5.70 -1.25 -10.27
N GLN B 217 -4.68 -0.44 -10.04
CA GLN B 217 -4.24 -0.10 -8.68
C GLN B 217 -5.03 1.09 -8.10
N MET B 218 -4.71 1.42 -6.86
CA MET B 218 -5.31 2.54 -6.09
C MET B 218 -5.56 3.87 -6.81
N ASN B 219 -4.65 4.22 -7.72
CA ASN B 219 -4.79 5.44 -8.53
C ASN B 219 -6.02 5.47 -9.46
N GLU B 220 -6.60 4.30 -9.75
CA GLU B 220 -7.67 4.19 -10.75
C GLU B 220 -9.07 4.34 -10.13
N PRO B 221 -10.05 4.83 -10.92
CA PRO B 221 -11.40 5.06 -10.38
C PRO B 221 -12.17 3.77 -10.07
N PRO B 222 -13.26 3.86 -9.28
CA PRO B 222 -14.04 2.71 -8.81
C PRO B 222 -14.41 1.66 -9.86
N GLY B 223 -14.87 2.12 -11.03
CA GLY B 223 -15.27 1.24 -12.12
C GLY B 223 -14.14 0.36 -12.64
N ALA B 224 -12.95 0.94 -12.76
CA ALA B 224 -11.76 0.19 -13.18
C ALA B 224 -11.37 -0.88 -12.16
N ARG B 225 -11.31 -0.48 -10.90
CA ARG B 225 -10.95 -1.40 -9.81
C ARG B 225 -12.00 -2.50 -9.57
N MET B 226 -13.26 -2.22 -9.88
CA MET B 226 -14.34 -3.23 -9.79
C MET B 226 -14.17 -4.34 -10.82
N ARG B 227 -13.85 -3.99 -12.06
CA ARG B 227 -13.82 -4.95 -13.17
C ARG B 227 -12.46 -5.53 -13.54
N VAL B 228 -11.35 -4.93 -13.05
CA VAL B 228 -10.01 -5.38 -13.46
C VAL B 228 -9.70 -6.85 -13.14
N ALA B 229 -10.27 -7.39 -12.06
CA ALA B 229 -10.13 -8.81 -11.74
C ALA B 229 -10.76 -9.71 -12.81
N LEU B 230 -11.92 -9.32 -13.33
CA LEU B 230 -12.61 -10.07 -14.37
C LEU B 230 -11.83 -10.07 -15.69
N THR B 231 -11.18 -8.96 -15.98
CA THR B 231 -10.24 -8.87 -17.11
C THR B 231 -9.13 -9.91 -16.99
N GLY B 232 -8.55 -10.03 -15.80
CA GLY B 232 -7.54 -11.05 -15.50
C GLY B 232 -8.05 -12.47 -15.63
N LEU B 233 -9.26 -12.71 -15.14
CA LEU B 233 -9.89 -14.04 -15.21
C LEU B 233 -10.16 -14.47 -16.66
N THR B 234 -10.55 -13.52 -17.50
CA THR B 234 -10.83 -13.76 -18.91
C THR B 234 -9.57 -14.15 -19.69
N VAL B 235 -8.43 -13.57 -19.32
CA VAL B 235 -7.14 -13.96 -19.89
C VAL B 235 -6.78 -15.38 -19.45
N ALA B 236 -7.07 -15.70 -18.18
CA ALA B 236 -6.83 -17.05 -17.64
C ALA B 236 -7.74 -18.10 -18.28
N GLU B 237 -9.00 -17.73 -18.52
CA GLU B 237 -9.95 -18.61 -19.21
C GLU B 237 -9.51 -18.99 -20.62
N GLN B 238 -8.89 -18.06 -21.33
CA GLN B 238 -8.40 -18.32 -22.69
C GLN B 238 -7.27 -19.34 -22.69
N PHE B 239 -6.35 -19.24 -21.74
CA PHE B 239 -5.27 -20.21 -21.58
C PHE B 239 -5.79 -21.62 -21.26
N ARG B 240 -6.86 -21.70 -20.46
CA ARG B 240 -7.51 -22.98 -20.14
C ARG B 240 -8.17 -23.61 -21.37
N ASP B 241 -8.94 -22.81 -22.10
CA ASP B 241 -9.71 -23.31 -23.26
C ASP B 241 -8.81 -23.69 -24.44
N ALA B 242 -7.81 -22.85 -24.72
CA ALA B 242 -6.91 -23.04 -25.87
C ALA B 242 -5.99 -24.26 -25.74
N THR B 243 -5.40 -24.46 -24.56
CA THR B 243 -4.42 -25.54 -24.33
C THR B 243 -4.92 -26.73 -23.50
N GLY B 244 -6.06 -26.59 -22.83
CA GLY B 244 -6.60 -27.66 -21.98
C GLY B 244 -5.82 -27.93 -20.69
N THR B 245 -4.96 -26.99 -20.29
CA THR B 245 -4.05 -27.17 -19.16
C THR B 245 -4.64 -26.56 -17.87
N ASP B 246 -3.92 -26.74 -16.76
CA ASP B 246 -4.34 -26.22 -15.46
C ASP B 246 -3.74 -24.83 -15.22
N VAL B 247 -4.62 -23.82 -15.08
CA VAL B 247 -4.24 -22.40 -15.04
C VAL B 247 -4.41 -21.84 -13.63
N LEU B 248 -3.50 -20.96 -13.21
CA LEU B 248 -3.61 -20.22 -11.95
C LEU B 248 -4.08 -18.79 -12.18
N PHE B 249 -5.02 -18.35 -11.34
CA PHE B 249 -5.52 -16.99 -11.35
C PHE B 249 -5.22 -16.38 -9.98
N PHE B 250 -4.14 -15.60 -9.90
CA PHE B 250 -3.76 -14.91 -8.67
C PHE B 250 -4.53 -13.60 -8.53
N VAL B 251 -5.09 -13.36 -7.34
CA VAL B 251 -5.82 -12.12 -7.06
C VAL B 251 -5.28 -11.48 -5.79
N ASP B 252 -4.66 -10.31 -5.95
CA ASP B 252 -4.22 -9.47 -4.83
C ASP B 252 -4.94 -8.13 -4.97
N ASN B 253 -6.11 -7.94 -4.34
CA ASN B 253 -6.80 -8.91 -3.48
C ASN B 253 -8.32 -8.73 -3.50
N ILE B 254 -9.03 -9.68 -2.90
CA ILE B 254 -10.50 -9.72 -2.95
C ILE B 254 -11.15 -8.60 -2.12
N PHE B 255 -10.55 -8.24 -0.99
CA PHE B 255 -11.04 -7.09 -0.21
C PHE B 255 -11.16 -5.82 -1.07
N ARG B 256 -10.14 -5.55 -1.89
CA ARG B 256 -10.14 -4.39 -2.78
C ARG B 256 -11.18 -4.52 -3.90
N PHE B 257 -11.31 -5.74 -4.44
CA PHE B 257 -12.37 -6.05 -5.42
C PHE B 257 -13.74 -5.69 -4.84
N THR B 258 -14.02 -6.17 -3.64
CA THR B 258 -15.27 -5.88 -2.93
C THR B 258 -15.42 -4.40 -2.59
N GLN B 259 -14.33 -3.79 -2.09
CA GLN B 259 -14.30 -2.35 -1.78
C GLN B 259 -14.69 -1.51 -2.99
N ALA B 260 -14.07 -1.79 -4.14
CA ALA B 260 -14.37 -1.10 -5.41
C ALA B 260 -15.82 -1.28 -5.82
N GLY B 261 -16.31 -2.52 -5.76
CA GLY B 261 -17.72 -2.82 -6.02
C GLY B 261 -18.67 -2.09 -5.08
N SER B 262 -18.28 -1.95 -3.82
CA SER B 262 -19.05 -1.20 -2.82
C SER B 262 -19.10 0.30 -3.15
N GLU B 263 -17.97 0.85 -3.59
CA GLU B 263 -17.91 2.24 -4.05
C GLU B 263 -18.88 2.50 -5.18
N VAL B 264 -18.87 1.61 -6.17
CA VAL B 264 -19.72 1.72 -7.35
C VAL B 264 -21.20 1.63 -6.97
N SER B 265 -21.56 0.68 -6.10
CA SER B 265 -22.93 0.56 -5.60
C SER B 265 -23.42 1.85 -4.92
N ALA B 266 -22.59 2.40 -4.04
CA ALA B 266 -22.92 3.65 -3.32
C ALA B 266 -23.11 4.82 -4.28
N LEU B 267 -22.25 4.92 -5.30
CA LEU B 267 -22.35 5.99 -6.32
C LEU B 267 -23.62 5.90 -7.18
N LEU B 268 -24.13 4.67 -7.39
CA LEU B 268 -25.39 4.47 -8.12
C LEU B 268 -26.64 4.63 -7.23
N GLY B 269 -26.46 4.98 -5.95
CA GLY B 269 -27.56 5.39 -5.09
C GLY B 269 -28.12 4.32 -4.17
N ARG B 270 -27.29 3.36 -3.77
CA ARG B 270 -27.70 2.29 -2.84
C ARG B 270 -27.40 2.69 -1.40
N ILE B 271 -28.35 2.40 -0.51
CA ILE B 271 -28.17 2.62 0.93
C ILE B 271 -27.17 1.61 1.50
N PRO B 272 -26.22 2.07 2.34
CA PRO B 272 -25.29 1.17 3.03
C PRO B 272 -25.84 0.63 4.35
N SER B 273 -25.34 -0.53 4.79
CA SER B 273 -25.78 -1.17 6.03
C SER B 273 -25.24 -0.43 7.26
N PRO B 279 -15.73 -11.12 8.58
CA PRO B 279 -14.96 -12.36 8.36
C PRO B 279 -14.88 -12.74 6.88
N THR B 280 -16.05 -12.84 6.24
CA THR B 280 -16.14 -13.21 4.81
C THR B 280 -15.83 -12.04 3.85
N LEU B 281 -15.74 -10.82 4.38
CA LEU B 281 -15.38 -9.61 3.61
C LEU B 281 -14.05 -9.75 2.84
N ALA B 282 -13.08 -10.44 3.45
CA ALA B 282 -11.76 -10.65 2.88
C ALA B 282 -11.73 -11.72 1.77
N THR B 283 -12.54 -12.77 1.91
CA THR B 283 -12.44 -13.96 1.05
C THR B 283 -13.60 -14.21 0.06
N ASP B 284 -14.75 -13.56 0.27
CA ASP B 284 -15.95 -13.81 -0.55
C ASP B 284 -15.83 -13.17 -1.93
N MET B 285 -15.80 -14.00 -2.97
CA MET B 285 -15.82 -13.55 -4.36
C MET B 285 -17.27 -13.34 -4.78
N GLY B 286 -17.49 -12.70 -5.91
CA GLY B 286 -18.85 -12.42 -6.42
C GLY B 286 -19.40 -13.59 -7.20
N ALA B 287 -20.07 -13.29 -8.30
CA ALA B 287 -20.42 -14.31 -9.31
C ALA B 287 -19.17 -14.87 -10.00
N MET B 288 -18.07 -14.11 -9.94
CA MET B 288 -16.71 -14.58 -10.27
C MET B 288 -16.38 -16.00 -9.78
N GLN B 289 -16.89 -16.37 -8.61
CA GLN B 289 -16.69 -17.70 -8.02
C GLN B 289 -17.06 -18.87 -8.96
N GLU B 290 -18.18 -18.75 -9.66
CA GLU B 290 -18.68 -19.81 -10.56
C GLU B 290 -17.75 -20.09 -11.75
N ARG B 291 -17.03 -19.07 -12.20
CA ARG B 291 -16.04 -19.20 -13.28
C ARG B 291 -14.73 -19.88 -12.86
N ILE B 292 -14.46 -19.93 -11.55
CA ILE B 292 -13.32 -20.64 -10.99
C ILE B 292 -13.75 -22.09 -10.76
N THR B 293 -13.28 -23.00 -11.63
CA THR B 293 -13.71 -24.40 -11.59
C THR B 293 -12.80 -25.33 -12.41
N SER B 294 -12.96 -26.64 -12.17
CA SER B 294 -12.23 -27.67 -12.91
C SER B 294 -13.16 -28.39 -13.90
N THR B 295 -12.79 -28.33 -15.18
CA THR B 295 -13.56 -28.94 -16.28
C THR B 295 -12.79 -30.10 -16.91
N LYS B 296 -13.42 -30.78 -17.88
CA LYS B 296 -12.74 -31.77 -18.72
C LYS B 296 -11.62 -31.15 -19.56
N ASN B 297 -11.81 -29.90 -20.00
CA ASN B 297 -10.82 -29.17 -20.82
C ASN B 297 -9.96 -28.21 -19.97
N GLY B 298 -9.36 -28.73 -18.89
CA GLY B 298 -8.51 -27.94 -17.99
C GLY B 298 -9.23 -27.34 -16.80
N SER B 299 -8.54 -26.47 -16.06
CA SER B 299 -9.07 -25.85 -14.84
C SER B 299 -8.46 -24.48 -14.55
N ILE B 300 -9.20 -23.66 -13.80
CA ILE B 300 -8.70 -22.40 -13.27
C ILE B 300 -8.76 -22.48 -11.75
N THR B 301 -7.60 -22.35 -11.10
CA THR B 301 -7.48 -22.37 -9.64
C THR B 301 -7.16 -20.96 -9.12
N SER B 302 -8.00 -20.47 -8.21
CA SER B 302 -7.83 -19.14 -7.63
C SER B 302 -6.84 -19.18 -6.45
N ILE B 303 -5.75 -18.43 -6.56
CA ILE B 303 -4.80 -18.24 -5.47
C ILE B 303 -4.92 -16.78 -5.03
N GLN B 304 -5.58 -16.55 -3.90
CA GLN B 304 -5.81 -15.17 -3.45
C GLN B 304 -4.88 -14.78 -2.30
N ALA B 305 -4.31 -13.58 -2.39
CA ALA B 305 -3.49 -13.01 -1.33
C ALA B 305 -4.46 -12.37 -0.35
N VAL B 306 -4.64 -13.00 0.81
CA VAL B 306 -5.69 -12.59 1.75
C VAL B 306 -5.24 -11.33 2.48
N TYR B 307 -6.10 -10.30 2.44
CA TYR B 307 -5.80 -8.99 3.01
C TYR B 307 -7.07 -8.33 3.55
N VAL B 308 -6.93 -7.69 4.72
CA VAL B 308 -7.88 -6.68 5.18
C VAL B 308 -7.04 -5.46 5.52
N PRO B 309 -7.67 -4.31 5.84
CA PRO B 309 -6.89 -3.22 6.42
C PRO B 309 -6.34 -3.57 7.82
N ALA B 310 -5.30 -4.40 7.80
CA ALA B 310 -4.55 -4.82 8.98
C ALA B 310 -3.09 -4.54 8.66
N ASP B 311 -2.83 -3.25 8.38
CA ASP B 311 -1.49 -2.73 8.14
C ASP B 311 -0.85 -2.21 9.43
N ASP B 312 -1.56 -2.34 10.56
CA ASP B 312 -1.02 -2.01 11.89
C ASP B 312 -0.09 -3.12 12.37
N LEU B 313 -0.63 -4.34 12.44
CA LEU B 313 0.10 -5.54 12.88
C LEU B 313 0.04 -6.63 11.80
N THR B 314 0.89 -7.65 11.97
CA THR B 314 1.08 -8.69 10.95
C THR B 314 -0.14 -9.59 10.75
N THR B 320 -8.60 -17.26 13.53
CA THR B 320 -8.86 -17.27 12.09
C THR B 320 -9.18 -18.69 11.61
N THR B 321 -10.06 -18.78 10.61
CA THR B 321 -10.53 -20.07 10.08
C THR B 321 -11.00 -19.94 8.62
N PHE B 322 -11.59 -21.01 8.08
CA PHE B 322 -12.17 -21.00 6.73
C PHE B 322 -13.33 -20.01 6.58
N ALA B 323 -13.70 -19.72 5.34
CA ALA B 323 -14.86 -18.90 5.02
C ALA B 323 -15.41 -19.25 3.64
N HIS B 324 -14.67 -18.90 2.59
CA HIS B 324 -15.00 -19.25 1.21
C HIS B 324 -13.79 -19.92 0.54
N LEU B 325 -13.02 -20.69 1.32
CA LEU B 325 -11.75 -21.25 0.87
C LEU B 325 -11.71 -22.78 0.95
N ASP B 326 -11.04 -23.39 -0.04
CA ASP B 326 -10.81 -24.84 -0.08
C ASP B 326 -9.47 -25.25 0.51
N ALA B 327 -8.49 -24.33 0.52
CA ALA B 327 -7.25 -24.54 1.26
C ALA B 327 -6.61 -23.21 1.67
N THR B 328 -5.74 -23.29 2.69
CA THR B 328 -5.00 -22.13 3.19
C THR B 328 -3.51 -22.46 3.28
N THR B 329 -2.67 -21.51 2.86
CA THR B 329 -1.22 -21.58 3.06
C THR B 329 -0.83 -20.45 4.01
N VAL B 330 -0.57 -20.81 5.27
CA VAL B 330 -0.22 -19.84 6.31
C VAL B 330 1.31 -19.70 6.39
N LEU B 331 1.83 -18.56 5.94
CA LEU B 331 3.25 -18.23 6.10
C LEU B 331 3.49 -17.67 7.50
N SER B 332 4.56 -18.13 8.16
CA SER B 332 4.82 -17.82 9.57
C SER B 332 6.20 -17.24 9.79
N ARG B 333 6.26 -16.11 10.51
CA ARG B 333 7.51 -15.45 10.88
C ARG B 333 8.37 -16.35 11.77
N ALA B 334 7.73 -17.05 12.71
CA ALA B 334 8.41 -18.03 13.57
C ALA B 334 9.10 -19.13 12.76
N ILE B 335 8.40 -19.66 11.77
CA ILE B 335 8.94 -20.72 10.88
C ILE B 335 10.09 -20.15 10.02
N SER B 336 9.92 -18.92 9.53
CA SER B 336 10.97 -18.24 8.75
C SER B 336 12.27 -18.03 9.54
N GLU B 337 12.16 -17.71 10.82
CA GLU B 337 13.33 -17.46 11.67
C GLU B 337 14.09 -18.73 12.09
N LEU B 338 13.47 -19.91 11.96
CA LEU B 338 14.18 -21.19 12.10
C LEU B 338 14.98 -21.60 10.85
N GLY B 339 14.92 -20.80 9.78
CA GLY B 339 15.60 -21.12 8.52
C GLY B 339 14.80 -22.01 7.57
N ILE B 340 13.51 -22.22 7.86
CA ILE B 340 12.66 -23.09 7.05
C ILE B 340 12.00 -22.28 5.93
N TYR B 341 12.39 -22.56 4.68
CA TYR B 341 11.85 -21.91 3.48
C TYR B 341 11.23 -22.97 2.56
N PRO B 342 10.00 -22.79 2.06
CA PRO B 342 9.12 -21.65 2.37
C PRO B 342 8.62 -21.69 3.81
N ALA B 343 8.28 -20.52 4.35
CA ALA B 343 7.96 -20.39 5.77
C ALA B 343 6.53 -20.82 6.11
N VAL B 344 6.11 -21.99 5.62
CA VAL B 344 4.74 -22.44 5.74
C VAL B 344 4.57 -23.10 7.11
N ASP B 345 3.51 -22.74 7.81
CA ASP B 345 3.17 -23.39 9.08
C ASP B 345 2.50 -24.72 8.75
N PRO B 346 3.15 -25.86 9.09
CA PRO B 346 2.61 -27.17 8.72
C PRO B 346 1.40 -27.63 9.55
N LEU B 347 1.06 -26.90 10.62
CA LEU B 347 -0.13 -27.19 11.44
C LEU B 347 -1.31 -26.24 11.19
N ASP B 348 -1.03 -24.95 10.99
CA ASP B 348 -2.08 -23.96 10.70
C ASP B 348 -2.58 -23.98 9.25
N SER B 349 -1.74 -24.44 8.32
CA SER B 349 -2.17 -24.68 6.94
C SER B 349 -3.07 -25.91 6.91
N ASN B 350 -4.14 -25.86 6.12
CA ASN B 350 -5.08 -26.98 5.99
C ASN B 350 -5.86 -26.96 4.69
N SER B 351 -6.48 -28.09 4.37
CA SER B 351 -7.17 -28.28 3.09
C SER B 351 -8.43 -29.12 3.27
N ARG B 352 -9.48 -28.79 2.50
CA ARG B 352 -10.71 -29.57 2.48
C ARG B 352 -10.51 -30.94 1.81
N ILE B 353 -9.63 -31.01 0.82
CA ILE B 353 -9.31 -32.27 0.13
C ILE B 353 -8.27 -33.15 0.87
N LEU B 354 -7.72 -32.68 1.99
CA LEU B 354 -6.93 -33.54 2.89
C LEU B 354 -7.91 -34.52 3.56
N ASP B 355 -8.24 -35.57 2.83
CA ASP B 355 -9.35 -36.44 3.13
C ASP B 355 -9.17 -37.70 2.28
N PRO B 356 -9.26 -38.91 2.91
CA PRO B 356 -8.89 -40.14 2.19
C PRO B 356 -9.72 -40.44 0.94
N ALA B 357 -10.96 -39.95 0.90
CA ALA B 357 -11.83 -40.12 -0.27
C ALA B 357 -11.36 -39.38 -1.52
N VAL B 358 -10.55 -38.31 -1.35
CA VAL B 358 -10.02 -37.52 -2.47
C VAL B 358 -8.57 -37.91 -2.81
N VAL B 359 -7.68 -37.82 -1.82
CA VAL B 359 -6.23 -38.03 -2.05
C VAL B 359 -5.72 -39.46 -1.82
N GLY B 360 -6.59 -40.35 -1.34
CA GLY B 360 -6.22 -41.75 -1.07
C GLY B 360 -5.86 -41.97 0.39
N GLU B 361 -5.87 -43.24 0.79
CA GLU B 361 -5.68 -43.64 2.19
C GLU B 361 -4.24 -43.41 2.67
N GLU B 362 -3.26 -43.71 1.81
CA GLU B 362 -1.84 -43.55 2.14
C GLU B 362 -1.46 -42.08 2.34
N HIS B 363 -1.79 -41.24 1.36
CA HIS B 363 -1.58 -39.78 1.41
C HIS B 363 -2.08 -39.20 2.74
N TYR B 364 -3.33 -39.52 3.07
CA TYR B 364 -3.99 -38.99 4.27
C TYR B 364 -3.31 -39.42 5.58
N GLN B 365 -2.98 -40.70 5.67
CA GLN B 365 -2.39 -41.27 6.89
C GLN B 365 -0.99 -40.72 7.17
N VAL B 366 -0.18 -40.59 6.12
CA VAL B 366 1.18 -40.05 6.23
C VAL B 366 1.14 -38.59 6.68
N ALA B 367 0.24 -37.82 6.07
CA ALA B 367 0.00 -36.43 6.47
C ALA B 367 -0.44 -36.31 7.93
N ARG B 368 -1.34 -37.20 8.35
CA ARG B 368 -1.85 -37.19 9.73
C ARG B 368 -0.74 -37.52 10.73
N ASP B 369 0.07 -38.53 10.42
CA ASP B 369 1.22 -38.93 11.26
C ASP B 369 2.26 -37.81 11.37
N VAL B 370 2.57 -37.17 10.26
CA VAL B 370 3.49 -36.03 10.23
C VAL B 370 3.00 -34.90 11.13
N GLN B 371 1.71 -34.59 11.05
CA GLN B 371 1.08 -33.58 11.90
C GLN B 371 1.15 -33.95 13.38
N GLY B 372 0.83 -35.21 13.69
CA GLY B 372 0.92 -35.74 15.05
C GLY B 372 2.30 -35.63 15.66
N ILE B 373 3.34 -35.89 14.86
CA ILE B 373 4.74 -35.83 15.31
C ILE B 373 5.16 -34.38 15.57
N LEU B 374 4.84 -33.48 14.64
CA LEU B 374 5.12 -32.05 14.80
C LEU B 374 4.36 -31.42 15.96
N GLN B 375 3.13 -31.87 16.20
CA GLN B 375 2.30 -31.41 17.32
C GLN B 375 2.90 -31.82 18.67
N LYS B 376 3.26 -33.10 18.78
CA LYS B 376 3.92 -33.63 19.97
C LYS B 376 5.26 -32.94 20.24
N TYR B 377 6.05 -32.73 19.18
CA TYR B 377 7.31 -31.98 19.27
C TYR B 377 7.11 -30.57 19.84
N LYS B 378 6.04 -29.91 19.40
CA LYS B 378 5.67 -28.58 19.87
C LYS B 378 5.30 -28.59 21.37
N SER B 379 4.62 -29.65 21.81
CA SER B 379 4.28 -29.84 23.23
C SER B 379 5.49 -30.02 24.15
N LEU B 380 6.57 -30.59 23.62
CA LEU B 380 7.82 -30.81 24.36
C LEU B 380 8.87 -29.71 24.15
N GLN B 381 8.48 -28.61 23.50
CA GLN B 381 9.41 -27.54 23.12
C GLN B 381 9.96 -26.79 24.35
N ASP B 382 9.08 -26.47 25.29
CA ASP B 382 9.45 -25.75 26.51
C ASP B 382 10.39 -26.56 27.42
N ILE B 383 10.20 -27.87 27.45
CA ILE B 383 11.07 -28.78 28.22
C ILE B 383 12.48 -28.85 27.61
N ILE B 384 12.57 -28.88 26.28
CA ILE B 384 13.86 -28.93 25.57
C ILE B 384 14.63 -27.61 25.70
N ALA B 385 13.92 -26.49 25.67
CA ALA B 385 14.55 -25.17 25.83
C ALA B 385 15.11 -24.97 27.25
N ILE B 386 14.32 -25.32 28.26
CA ILE B 386 14.67 -25.08 29.66
C ILE B 386 15.62 -26.14 30.22
N LEU B 387 15.28 -27.41 30.03
CA LEU B 387 16.12 -28.55 30.45
C LEU B 387 16.67 -29.24 29.20
N GLY B 388 17.56 -30.21 29.41
CA GLY B 388 18.19 -30.89 28.27
C GLY B 388 17.26 -31.83 27.50
N MET B 389 17.84 -32.49 26.50
CA MET B 389 17.17 -33.59 25.79
C MET B 389 17.12 -34.84 26.68
N ASP B 390 18.03 -34.93 27.66
CA ASP B 390 18.04 -36.03 28.64
C ASP B 390 16.81 -36.07 29.54
N GLU B 391 16.14 -34.93 29.72
CA GLU B 391 14.90 -34.85 30.50
C GLU B 391 13.75 -35.69 29.92
N LEU B 392 13.74 -35.87 28.60
CA LEU B 392 12.68 -36.62 27.93
C LEU B 392 12.85 -38.13 28.13
N SER B 393 11.73 -38.85 28.10
CA SER B 393 11.75 -40.31 28.04
C SER B 393 12.26 -40.76 26.67
N GLU B 394 12.68 -42.02 26.59
CA GLU B 394 13.29 -42.57 25.38
C GLU B 394 12.35 -42.50 24.17
N GLU B 395 11.08 -42.80 24.40
CA GLU B 395 10.04 -42.77 23.37
C GLU B 395 9.84 -41.36 22.79
N ASP B 396 9.79 -40.36 23.67
CA ASP B 396 9.64 -38.96 23.25
C ASP B 396 10.91 -38.37 22.64
N LYS B 397 12.06 -38.88 23.04
CA LYS B 397 13.36 -38.47 22.47
C LYS B 397 13.44 -38.83 20.98
N LEU B 398 12.92 -40.00 20.62
CA LEU B 398 12.90 -40.50 19.24
C LEU B 398 12.00 -39.66 18.32
N THR B 399 10.79 -39.36 18.79
CA THR B 399 9.84 -38.56 18.01
C THR B 399 10.36 -37.13 17.74
N VAL B 400 11.08 -36.56 18.70
CA VAL B 400 11.75 -35.26 18.53
C VAL B 400 12.80 -35.32 17.41
N ALA B 401 13.56 -36.41 17.36
CA ALA B 401 14.56 -36.62 16.31
C ALA B 401 13.92 -36.70 14.91
N ARG B 402 12.81 -37.41 14.81
CA ARG B 402 12.04 -37.50 13.56
C ARG B 402 11.34 -36.18 13.21
N ALA B 403 10.81 -35.51 14.22
CA ALA B 403 10.20 -34.18 14.06
C ALA B 403 11.18 -33.16 13.51
N ARG B 404 12.38 -33.12 14.10
CA ARG B 404 13.45 -32.21 13.67
C ARG B 404 13.91 -32.50 12.23
N LYS B 405 13.96 -33.78 11.87
CA LYS B 405 14.22 -34.18 10.48
C LYS B 405 13.09 -33.74 9.55
N ILE B 406 11.85 -34.02 9.96
CA ILE B 406 10.64 -33.63 9.21
C ILE B 406 10.53 -32.11 9.01
N GLN B 407 10.78 -31.31 10.04
CA GLN B 407 10.77 -29.84 9.92
C GLN B 407 11.67 -29.37 8.77
N ARG B 408 12.90 -29.89 8.78
CA ARG B 408 13.88 -29.58 7.74
C ARG B 408 13.46 -30.16 6.38
N PHE B 409 12.90 -31.37 6.40
CA PHE B 409 12.46 -32.04 5.18
C PHE B 409 11.23 -31.39 4.50
N LEU B 410 10.47 -30.59 5.26
CA LEU B 410 9.40 -29.77 4.68
C LEU B 410 9.94 -28.55 3.93
N SER B 411 11.15 -28.10 4.26
CA SER B 411 11.79 -27.00 3.55
C SER B 411 12.22 -27.49 2.16
N GLN B 412 12.37 -26.54 1.22
CA GLN B 412 12.64 -26.88 -0.18
C GLN B 412 13.25 -25.68 -0.91
N PRO B 413 14.25 -25.93 -1.79
CA PRO B 413 14.80 -24.86 -2.63
C PRO B 413 13.91 -24.57 -3.85
N PHE B 414 13.77 -23.29 -4.18
CA PHE B 414 12.89 -22.83 -5.25
C PHE B 414 13.71 -22.37 -6.46
N ASP B 415 13.24 -22.68 -7.67
CA ASP B 415 13.83 -22.17 -8.92
C ASP B 415 13.90 -20.64 -8.96
N VAL B 416 12.87 -20.00 -8.41
CA VAL B 416 12.78 -18.54 -8.29
C VAL B 416 13.87 -17.93 -7.39
N ALA B 417 14.24 -18.64 -6.33
CA ALA B 417 15.29 -18.19 -5.40
C ALA B 417 16.72 -18.29 -5.95
N LYS B 418 16.93 -19.09 -7.01
CA LYS B 418 18.27 -19.38 -7.56
C LYS B 418 19.13 -18.15 -7.85
N VAL B 419 18.51 -17.05 -8.27
CA VAL B 419 19.22 -15.81 -8.60
C VAL B 419 19.85 -15.14 -7.36
N PHE B 420 19.23 -15.33 -6.19
CA PHE B 420 19.76 -14.81 -4.92
C PHE B 420 20.75 -15.76 -4.25
N THR B 421 20.43 -17.06 -4.22
CA THR B 421 21.20 -18.04 -3.44
C THR B 421 22.29 -18.78 -4.22
N GLY B 422 22.05 -19.05 -5.51
CA GLY B 422 22.95 -19.86 -6.33
C GLY B 422 22.55 -21.32 -6.45
N SER B 423 21.92 -21.86 -5.40
CA SER B 423 21.46 -23.26 -5.38
C SER B 423 20.29 -23.48 -6.35
N ASP B 424 20.32 -24.62 -7.03
CA ASP B 424 19.23 -25.02 -7.92
C ASP B 424 17.95 -25.30 -7.15
N GLY B 425 16.81 -24.99 -7.78
CA GLY B 425 15.50 -25.32 -7.24
C GLY B 425 15.11 -26.74 -7.60
N VAL B 426 13.97 -27.18 -7.07
CA VAL B 426 13.48 -28.53 -7.32
C VAL B 426 11.95 -28.60 -7.18
N GLN B 427 11.33 -29.40 -8.04
CA GLN B 427 9.92 -29.76 -7.95
C GLN B 427 9.88 -31.25 -7.65
N VAL B 428 9.22 -31.61 -6.55
CA VAL B 428 9.18 -33.00 -6.09
C VAL B 428 7.85 -33.62 -6.53
N PRO B 429 7.89 -34.79 -7.22
CA PRO B 429 6.63 -35.47 -7.57
C PRO B 429 5.79 -35.88 -6.36
N LEU B 430 4.47 -35.89 -6.54
CA LEU B 430 3.53 -36.18 -5.45
C LEU B 430 3.83 -37.50 -4.75
N GLU B 431 4.09 -38.55 -5.53
CA GLU B 431 4.38 -39.86 -4.97
C GLU B 431 5.71 -39.87 -4.21
N ASP B 432 6.71 -39.18 -4.75
CA ASP B 432 8.01 -39.04 -4.08
C ASP B 432 7.83 -38.41 -2.69
N THR B 433 7.03 -37.35 -2.61
CA THR B 433 6.71 -36.69 -1.35
C THR B 433 6.02 -37.63 -0.35
N ILE B 434 5.03 -38.39 -0.79
CA ILE B 434 4.27 -39.29 0.09
C ILE B 434 5.15 -40.44 0.59
N LYS B 435 5.90 -41.07 -0.32
CA LYS B 435 6.77 -42.20 0.01
C LYS B 435 7.95 -41.80 0.89
N SER B 436 8.55 -40.64 0.60
CA SER B 436 9.71 -40.14 1.35
C SER B 436 9.37 -39.85 2.80
N PHE B 437 8.26 -39.15 3.03
CA PHE B 437 7.82 -38.83 4.38
C PHE B 437 7.28 -40.06 5.12
N LYS B 438 6.63 -40.97 4.40
CA LYS B 438 6.18 -42.26 4.96
C LYS B 438 7.35 -43.07 5.52
N ALA B 439 8.43 -43.13 4.75
CA ALA B 439 9.65 -43.82 5.16
C ALA B 439 10.28 -43.21 6.40
N VAL B 440 10.35 -41.87 6.45
CA VAL B 440 10.88 -41.14 7.62
C VAL B 440 10.02 -41.37 8.87
N VAL B 441 8.70 -41.31 8.70
CA VAL B 441 7.75 -41.60 9.79
C VAL B 441 7.95 -43.02 10.35
N ALA B 442 8.16 -43.99 9.46
CA ALA B 442 8.41 -45.38 9.86
C ALA B 442 9.79 -45.58 10.53
N GLY B 443 10.72 -44.67 10.26
CA GLY B 443 12.06 -44.70 10.86
C GLY B 443 13.11 -45.44 10.05
N GLU B 444 12.94 -45.45 8.73
CA GLU B 444 13.91 -46.07 7.82
C GLU B 444 15.20 -45.26 7.70
N TYR B 445 15.13 -43.95 8.00
CA TYR B 445 16.28 -43.04 7.88
C TYR B 445 16.58 -42.27 9.18
N ASP B 446 16.44 -42.94 10.32
CA ASP B 446 16.89 -42.38 11.62
C ASP B 446 18.42 -42.25 11.68
N HIS B 447 19.11 -43.12 10.96
CA HIS B 447 20.58 -43.12 10.88
C HIS B 447 21.22 -41.93 10.13
N LEU B 448 20.46 -41.29 9.24
CA LEU B 448 20.98 -40.15 8.46
C LEU B 448 20.98 -38.86 9.29
N PRO B 449 21.94 -37.95 9.02
CA PRO B 449 22.04 -36.70 9.78
C PRO B 449 20.94 -35.70 9.43
N GLU B 450 20.65 -34.78 10.36
CA GLU B 450 19.58 -33.79 10.20
C GLU B 450 19.81 -32.84 9.03
N ALA B 451 21.05 -32.38 8.87
CA ALA B 451 21.44 -31.47 7.78
C ALA B 451 21.17 -32.02 6.37
N ALA B 452 21.16 -33.35 6.22
CA ALA B 452 20.81 -34.00 4.96
C ALA B 452 19.36 -33.73 4.52
N PHE B 453 18.47 -33.58 5.50
CA PHE B 453 17.05 -33.30 5.24
C PHE B 453 16.75 -31.83 4.92
N TYR B 454 17.71 -30.94 5.16
CA TYR B 454 17.53 -29.50 4.98
C TYR B 454 17.79 -29.07 3.54
N MET B 455 16.83 -28.36 2.94
CA MET B 455 16.97 -27.72 1.62
C MET B 455 17.32 -28.71 0.49
N VAL B 456 16.43 -29.68 0.29
CA VAL B 456 16.58 -30.69 -0.76
C VAL B 456 15.21 -31.04 -1.33
N GLY B 457 15.19 -31.89 -2.36
CA GLY B 457 13.95 -32.41 -2.94
C GLY B 457 13.42 -33.60 -2.16
N GLY B 458 13.33 -34.76 -2.83
CA GLY B 458 12.85 -35.99 -2.21
C GLY B 458 13.91 -36.73 -1.42
N ILE B 459 13.58 -37.96 -1.00
CA ILE B 459 14.46 -38.77 -0.17
C ILE B 459 15.78 -39.18 -0.85
N GLU B 460 15.79 -39.29 -2.17
CA GLU B 460 17.02 -39.58 -2.92
C GLU B 460 18.03 -38.43 -2.87
N ASP B 461 17.54 -37.19 -2.76
CA ASP B 461 18.42 -36.03 -2.53
C ASP B 461 19.01 -36.04 -1.11
N VAL B 462 18.24 -36.53 -0.14
CA VAL B 462 18.70 -36.65 1.25
C VAL B 462 19.85 -37.67 1.34
N LYS B 463 19.68 -38.81 0.67
CA LYS B 463 20.73 -39.84 0.56
C LYS B 463 22.00 -39.28 -0.11
N ALA B 464 21.81 -38.55 -1.21
CA ALA B 464 22.93 -37.94 -1.94
C ALA B 464 23.65 -36.89 -1.07
N LYS B 465 22.89 -36.08 -0.37
CA LYS B 465 23.46 -35.09 0.56
C LYS B 465 24.15 -35.75 1.76
N ALA B 466 23.59 -36.86 2.24
CA ALA B 466 24.18 -37.64 3.35
C ALA B 466 25.56 -38.20 3.00
N GLN B 467 25.71 -38.73 1.78
CA GLN B 467 27.00 -39.25 1.30
C GLN B 467 28.08 -38.17 1.17
N ARG B 468 27.67 -36.94 0.83
CA ARG B 468 28.60 -35.80 0.76
C ARG B 468 29.20 -35.43 2.13
N LEU B 469 28.39 -35.49 3.18
CA LEU B 469 28.84 -35.12 4.53
C LEU B 469 29.74 -36.18 5.16
C1 GOL C . 11.96 -10.02 43.51
O1 GOL C . 12.58 -8.73 43.60
C2 GOL C . 13.04 -11.09 43.36
O2 GOL C . 13.46 -11.53 44.66
C3 GOL C . 12.51 -12.30 42.59
O3 GOL C . 13.60 -13.11 42.16
C1 GOL D . -8.32 11.29 -11.79
O1 GOL D . -7.04 11.83 -11.44
C2 GOL D . -9.19 12.38 -12.40
O2 GOL D . -9.51 13.36 -11.39
C3 GOL D . -8.47 13.05 -13.56
O3 GOL D . -9.40 13.81 -14.34
C1 GOL E . 5.72 16.04 19.77
O1 GOL E . 4.88 16.05 20.93
C2 GOL E . 7.07 16.67 20.12
O2 GOL E . 7.69 15.90 21.16
C3 GOL E . 7.98 16.71 18.90
O3 GOL E . 7.73 17.90 18.16
C1 GOL F . -20.72 17.81 9.26
O1 GOL F . -19.47 18.40 9.61
C2 GOL F . -21.60 18.78 8.47
O2 GOL F . -21.09 18.97 7.15
C3 GOL F . -21.68 20.15 9.16
O3 GOL F . -21.94 20.02 10.56
C1 GOL G . 12.69 -0.10 12.48
O1 GOL G . 12.10 -0.90 13.50
C2 GOL G . 13.93 -0.77 11.91
O2 GOL G . 13.63 -1.30 10.60
C3 GOL G . 15.07 0.23 11.79
O3 GOL G . 16.12 -0.31 11.00
P PO4 H . -2.39 17.76 16.97
O1 PO4 H . -3.76 18.41 17.00
O2 PO4 H . -2.55 16.26 16.98
O3 PO4 H . -1.67 18.19 15.71
O4 PO4 H . -1.60 18.17 18.19
C1 GOL I . -26.27 8.88 -9.84
O1 GOL I . -26.51 7.56 -9.36
C2 GOL I . -26.64 9.89 -8.75
O2 GOL I . -25.71 10.98 -8.79
C3 GOL I . -28.07 10.39 -8.94
O3 GOL I . -28.61 10.78 -7.67
C1 GOL J . -34.00 11.09 -16.81
O1 GOL J . -34.50 10.35 -17.93
C2 GOL J . -32.81 10.34 -16.20
O2 GOL J . -32.60 10.82 -14.87
C3 GOL J . -31.56 10.56 -17.04
O3 GOL J . -31.02 11.88 -16.88
C1 GOL K . 4.43 -11.78 -26.55
O1 GOL K . 3.88 -11.95 -25.24
C2 GOL K . 4.82 -10.32 -26.76
O2 GOL K . 5.88 -10.25 -27.72
C3 GOL K . 3.64 -9.47 -27.25
O3 GOL K . 3.61 -8.21 -26.58
#